data_5XGU
#
_entry.id   5XGU
#
_cell.length_a   73.691
_cell.length_b   120.863
_cell.length_c   83.626
_cell.angle_alpha   90.00
_cell.angle_beta   91.61
_cell.angle_gamma   90.00
#
_symmetry.space_group_name_H-M   'P 1 21 1'
#
loop_
_entity.id
_entity.type
_entity.pdbx_description
1 polymer 'Ribonuclease R'
2 non-polymer 'MAGNESIUM ION'
3 water water
#
_entity_poly.entity_id   1
_entity_poly.type   'polypeptide(L)'
_entity_poly.pdbx_seq_one_letter_code
;HHHHHHGTVIGHRDGYGFLRVEGRKDDLYLSSEQMKTCIHGDQVLAQPLGVDRKGRREARIVRVLVPKTSQIVGRYFTEA
GVGFVVPDDSRLSFDILIPPDQIMGARMGFVVVVELTQRPTRRTKAVGKIVEVLGDNMGTGMAVDIALRTHEIPYIWPQA
VEQQVAGLKEEVPEEAKAGRVDLRDLPLVTIDGEDARDFDDAVYCEKKRGGGWRLWVAIADVSYYVRPSTPLDREARNRG
TSVYFPSQVIPMLPEVLSNGLCSLNPQVDRLCMVCEMTVSSKGRLTGYKFYEAVMSSHARLTYTKVWHILQGDQDLREQY
APLVKHLEELHNLYKVLDKAREERGGISFESEEAKFIFNAERRIERIEQTQRNDAHKLIEECMILANISAARFVEKAKEP
ALFRIHDKPSTEAITSFRSVLAELGLELPGGNKPEPRDYAELLESVADRPDAEMLQTMLLRSMKQAIYDPENRGHFGLAL
QSYAHFTSPIRRYPDLTLHRAIKYLLAKEQGHQGNTTETGGYHYSMEEMLQLGQHCSMAERRADEATRDVADWLKCDFML
DQVGNVFKGVISSVTGFGFFVRLDDLFIDGLVHVSSLDNDYYRFDQVGQRLMGESSGQTYRLGDRVEVRVEAVNMDERKI
DFSLI
;
_entity_poly.pdbx_strand_id   B,A
#
# COMPACT_ATOMS: atom_id res chain seq x y z
N GLY A 7 2.06 26.77 -15.73
CA GLY A 7 0.68 27.00 -15.34
C GLY A 7 -0.22 27.30 -16.52
N THR A 8 -1.52 27.16 -16.32
CA THR A 8 -2.52 27.41 -17.34
C THR A 8 -3.43 28.54 -16.89
N VAL A 9 -3.70 29.47 -17.80
CA VAL A 9 -4.51 30.64 -17.49
C VAL A 9 -5.98 30.26 -17.52
N ILE A 10 -6.71 30.60 -16.46
CA ILE A 10 -8.15 30.43 -16.39
C ILE A 10 -8.76 31.83 -16.36
N GLY A 11 -9.48 32.20 -17.41
CA GLY A 11 -10.08 33.50 -17.49
C GLY A 11 -11.28 33.64 -16.57
N HIS A 12 -11.70 34.89 -16.38
CA HIS A 12 -12.91 35.20 -15.63
C HIS A 12 -13.57 36.41 -16.27
N ARG A 13 -14.89 36.43 -16.29
CA ARG A 13 -15.61 37.48 -17.00
C ARG A 13 -15.40 38.86 -16.40
N ASP A 14 -14.95 38.94 -15.15
CA ASP A 14 -14.75 40.23 -14.50
C ASP A 14 -13.38 40.83 -14.78
N GLY A 15 -12.51 40.15 -15.53
CA GLY A 15 -11.27 40.72 -16.01
C GLY A 15 -10.02 40.11 -15.40
N TYR A 16 -10.11 39.59 -14.18
CA TYR A 16 -8.98 38.93 -13.56
C TYR A 16 -8.92 37.46 -13.99
N GLY A 17 -7.86 36.78 -13.55
CA GLY A 17 -7.66 35.39 -13.94
C GLY A 17 -7.06 34.58 -12.81
N PHE A 18 -6.83 33.30 -13.11
CA PHE A 18 -6.19 32.38 -12.20
C PHE A 18 -5.13 31.59 -12.94
N LEU A 19 -4.16 31.07 -12.19
CA LEU A 19 -3.14 30.19 -12.73
C LEU A 19 -3.34 28.81 -12.13
N ARG A 20 -3.20 27.78 -12.96
CA ARG A 20 -3.53 26.39 -12.61
C ARG A 20 -5.01 26.25 -12.29
N ASP A 27 -4.85 27.50 -6.79
CA ASP A 27 -4.75 28.50 -7.83
C ASP A 27 -4.12 29.79 -7.33
N LEU A 28 -3.44 30.49 -8.22
CA LEU A 28 -2.85 31.78 -7.94
C LEU A 28 -3.61 32.86 -8.71
N TYR A 29 -3.63 34.08 -8.16
CA TYR A 29 -4.46 35.15 -8.68
C TYR A 29 -3.70 35.95 -9.74
N LEU A 30 -4.32 36.06 -10.92
CA LEU A 30 -3.82 36.92 -11.99
C LEU A 30 -4.67 38.18 -12.04
N SER A 31 -4.04 39.34 -11.86
CA SER A 31 -4.77 40.60 -11.82
C SER A 31 -5.34 40.94 -13.20
N SER A 32 -6.28 41.88 -13.19
CA SER A 32 -6.85 42.37 -14.46
C SER A 32 -5.78 42.97 -15.35
N GLU A 33 -4.74 43.56 -14.75
CA GLU A 33 -3.63 44.08 -15.55
C GLU A 33 -2.84 42.95 -16.19
N GLN A 34 -2.64 41.85 -15.47
CA GLN A 34 -2.00 40.67 -16.04
C GLN A 34 -2.82 40.12 -17.20
N MET A 35 -4.14 40.08 -17.05
CA MET A 35 -5.02 39.55 -18.08
C MET A 35 -5.23 40.50 -19.25
N LYS A 36 -4.61 41.68 -19.23
CA LYS A 36 -4.70 42.57 -20.38
C LYS A 36 -4.02 41.99 -21.60
N THR A 37 -3.03 41.11 -21.40
CA THR A 37 -2.35 40.44 -22.49
C THR A 37 -2.50 38.93 -22.46
N CYS A 38 -3.00 38.35 -21.37
CA CYS A 38 -3.26 36.92 -21.31
C CYS A 38 -4.71 36.64 -21.70
N ILE A 39 -4.94 35.45 -22.27
CA ILE A 39 -6.28 35.02 -22.57
C ILE A 39 -6.50 33.62 -21.99
N HIS A 40 -7.77 33.31 -21.75
CA HIS A 40 -8.18 32.04 -21.17
C HIS A 40 -7.53 30.86 -21.88
N GLY A 41 -6.84 30.02 -21.11
CA GLY A 41 -6.21 28.82 -21.64
C GLY A 41 -4.74 28.95 -21.94
N ASP A 42 -4.18 30.15 -21.92
CA ASP A 42 -2.75 30.32 -22.17
C ASP A 42 -1.93 29.45 -21.22
N GLN A 43 -0.84 28.89 -21.74
CA GLN A 43 0.14 28.17 -20.94
C GLN A 43 1.34 29.09 -20.72
N VAL A 44 1.61 29.43 -19.46
CA VAL A 44 2.58 30.45 -19.12
C VAL A 44 3.47 29.94 -17.99
N LEU A 45 4.39 30.80 -17.56
CA LEU A 45 5.09 30.63 -16.29
C LEU A 45 5.14 32.00 -15.61
N ALA A 46 4.90 32.00 -14.30
CA ALA A 46 4.77 33.23 -13.56
C ALA A 46 5.77 33.34 -12.41
N GLU A 58 -0.85 36.54 -5.48
CA GLU A 58 -0.78 37.03 -6.86
C GLU A 58 0.50 36.57 -7.54
N ALA A 59 0.47 36.54 -8.88
CA ALA A 59 1.63 36.18 -9.67
C ALA A 59 1.75 37.16 -10.83
N ARG A 60 2.94 37.19 -11.42
CA ARG A 60 3.21 38.01 -12.61
C ARG A 60 3.66 37.09 -13.74
N ILE A 61 2.93 37.15 -14.86
CA ILE A 61 3.31 36.35 -16.02
C ILE A 61 4.70 36.74 -16.47
N VAL A 62 5.58 35.76 -16.58
CA VAL A 62 6.93 36.01 -17.05
C VAL A 62 7.06 35.77 -18.54
N ARG A 63 6.60 34.62 -19.01
CA ARG A 63 6.69 34.28 -20.43
C ARG A 63 5.52 33.39 -20.81
N VAL A 64 4.89 33.69 -21.94
CA VAL A 64 3.90 32.78 -22.50
C VAL A 64 4.64 31.57 -23.08
N LEU A 65 4.37 30.40 -22.52
CA LEU A 65 4.97 29.17 -23.05
C LEU A 65 4.22 28.70 -24.29
N VAL A 66 2.92 28.45 -24.14
CA VAL A 66 2.07 28.06 -25.25
C VAL A 66 0.89 29.01 -25.33
N PRO A 67 0.81 29.89 -26.32
CA PRO A 67 -0.39 30.72 -26.48
C PRO A 67 -1.58 29.86 -26.86
N LYS A 68 -2.75 30.22 -26.35
CA LYS A 68 -3.99 29.52 -26.65
C LYS A 68 -4.48 29.98 -28.01
N THR A 69 -4.30 29.13 -29.03
CA THR A 69 -4.60 29.50 -30.41
C THR A 69 -5.81 28.77 -30.98
N SER A 70 -6.60 28.11 -30.13
CA SER A 70 -7.78 27.42 -30.61
C SER A 70 -8.82 28.41 -31.14
N GLN A 71 -9.75 27.90 -31.95
CA GLN A 71 -10.80 28.73 -32.50
C GLN A 71 -11.78 29.12 -31.40
N ILE A 72 -12.46 30.25 -31.61
CA ILE A 72 -13.31 30.86 -30.60
C ILE A 72 -14.72 30.99 -31.16
N VAL A 73 -15.69 30.36 -30.50
CA VAL A 73 -17.09 30.47 -30.88
C VAL A 73 -17.68 31.70 -30.22
N GLY A 74 -18.46 32.46 -30.98
CA GLY A 74 -19.10 33.63 -30.43
C GLY A 74 -20.26 34.08 -31.30
N ARG A 75 -20.79 35.26 -30.96
CA ARG A 75 -21.89 35.85 -31.71
C ARG A 75 -21.45 37.20 -32.28
N TYR A 76 -21.81 37.43 -33.54
CA TYR A 76 -21.38 38.59 -34.30
C TYR A 76 -22.36 39.74 -34.12
N PHE A 77 -21.82 40.95 -33.96
CA PHE A 77 -22.61 42.17 -33.87
C PHE A 77 -21.83 43.28 -34.58
N THR A 78 -22.50 44.42 -34.78
CA THR A 78 -21.85 45.59 -35.35
C THR A 78 -22.05 46.80 -34.44
N GLU A 79 -21.08 47.71 -34.50
CA GLU A 79 -21.08 48.91 -33.68
C GLU A 79 -20.41 50.00 -34.51
N ALA A 80 -21.19 51.01 -34.90
CA ALA A 80 -20.72 52.06 -35.82
C ALA A 80 -20.15 51.44 -37.09
N GLY A 81 -20.87 50.46 -37.64
CA GLY A 81 -20.40 49.72 -38.79
C GLY A 81 -19.27 48.76 -38.52
N VAL A 82 -18.59 48.87 -37.39
CA VAL A 82 -17.50 47.97 -37.05
C VAL A 82 -18.09 46.68 -36.49
N GLY A 83 -17.74 45.56 -37.11
CA GLY A 83 -18.19 44.27 -36.64
C GLY A 83 -17.29 43.72 -35.54
N PHE A 84 -17.87 42.92 -34.66
CA PHE A 84 -17.12 42.31 -33.58
C PHE A 84 -17.86 41.06 -33.12
N VAL A 85 -17.14 40.21 -32.40
CA VAL A 85 -17.69 38.95 -31.93
C VAL A 85 -17.55 38.91 -30.41
N VAL A 86 -18.63 38.56 -29.73
CA VAL A 86 -18.64 38.37 -28.29
C VAL A 86 -18.46 36.88 -28.03
N PRO A 87 -17.37 36.46 -27.37
CA PRO A 87 -17.15 35.04 -27.15
C PRO A 87 -18.29 34.38 -26.36
N ASP A 88 -18.63 33.17 -26.77
CA ASP A 88 -19.64 32.39 -26.05
C ASP A 88 -19.20 32.08 -24.63
N ASP A 89 -17.90 31.83 -24.44
CA ASP A 89 -17.33 31.59 -23.12
C ASP A 89 -16.95 32.94 -22.51
N SER A 90 -17.67 33.35 -21.45
CA SER A 90 -17.44 34.66 -20.87
C SER A 90 -16.09 34.79 -20.19
N ARG A 91 -15.41 33.67 -19.93
CA ARG A 91 -14.04 33.75 -19.40
C ARG A 91 -13.07 34.31 -20.42
N LEU A 92 -13.43 34.29 -21.71
CA LEU A 92 -12.73 35.05 -22.74
C LEU A 92 -13.32 36.46 -22.70
N SER A 93 -12.81 37.26 -21.77
CA SER A 93 -13.48 38.48 -21.31
C SER A 93 -13.10 39.69 -22.15
N PHE A 94 -13.35 39.59 -23.45
CA PHE A 94 -13.01 40.69 -24.37
C PHE A 94 -13.78 40.51 -25.66
N ASP A 95 -13.97 41.63 -26.37
CA ASP A 95 -14.56 41.61 -27.70
C ASP A 95 -13.46 41.42 -28.75
N ILE A 96 -13.84 40.82 -29.87
CA ILE A 96 -12.93 40.54 -30.97
C ILE A 96 -13.40 41.32 -32.18
N LEU A 97 -12.63 42.31 -32.61
CA LEU A 97 -12.98 43.06 -33.81
C LEU A 97 -12.77 42.18 -35.04
N ILE A 98 -13.73 42.23 -35.96
CA ILE A 98 -13.64 41.52 -37.23
C ILE A 98 -13.64 42.55 -38.35
N PRO A 99 -12.57 42.67 -39.13
CA PRO A 99 -12.59 43.61 -40.26
C PRO A 99 -13.62 43.20 -41.27
N PRO A 100 -14.16 44.15 -42.05
CA PRO A 100 -15.33 43.85 -42.90
C PRO A 100 -15.08 42.83 -44.00
N ASP A 101 -13.83 42.65 -44.44
CA ASP A 101 -13.54 41.65 -45.45
C ASP A 101 -13.35 40.26 -44.86
N GLN A 102 -13.54 40.11 -43.55
CA GLN A 102 -13.27 38.86 -42.85
C GLN A 102 -14.51 38.29 -42.16
N ILE A 103 -15.72 38.69 -42.57
CA ILE A 103 -16.90 38.28 -41.83
C ILE A 103 -17.66 37.13 -42.49
N MET A 104 -17.29 36.72 -43.70
CA MET A 104 -17.90 35.55 -44.34
C MET A 104 -19.42 35.69 -44.47
N GLY A 105 -19.92 36.92 -44.62
CA GLY A 105 -21.34 37.12 -44.71
C GLY A 105 -22.10 36.91 -43.41
N ALA A 106 -21.42 36.97 -42.28
CA ALA A 106 -22.10 36.88 -40.99
C ALA A 106 -23.08 38.03 -40.82
N ARG A 107 -24.14 37.79 -40.08
CA ARG A 107 -25.16 38.78 -39.82
C ARG A 107 -25.32 39.00 -38.32
N MET A 108 -25.91 40.14 -37.98
CA MET A 108 -26.19 40.49 -36.59
C MET A 108 -26.81 39.31 -35.84
N GLY A 109 -26.19 38.94 -34.71
CA GLY A 109 -26.70 37.89 -33.88
C GLY A 109 -26.34 36.47 -34.29
N PHE A 110 -25.65 36.30 -35.41
CA PHE A 110 -25.27 34.95 -35.84
C PHE A 110 -24.20 34.38 -34.92
N VAL A 111 -24.29 33.07 -34.67
CA VAL A 111 -23.19 32.35 -34.04
C VAL A 111 -22.13 32.07 -35.08
N VAL A 112 -20.87 32.41 -34.78
CA VAL A 112 -19.77 32.28 -35.72
C VAL A 112 -18.57 31.68 -34.99
N VAL A 113 -17.59 31.24 -35.79
CA VAL A 113 -16.34 30.68 -35.30
C VAL A 113 -15.21 31.60 -35.76
N VAL A 114 -14.37 32.03 -34.83
CA VAL A 114 -13.35 33.05 -35.09
C VAL A 114 -11.98 32.44 -34.90
N GLU A 115 -11.05 32.80 -35.79
CA GLU A 115 -9.63 32.55 -35.56
C GLU A 115 -8.97 33.89 -35.27
N LEU A 116 -8.28 33.97 -34.14
CA LEU A 116 -7.61 35.20 -33.75
C LEU A 116 -6.51 35.55 -34.73
N THR A 117 -6.46 36.83 -35.12
CA THR A 117 -5.33 37.36 -35.87
C THR A 117 -4.47 38.30 -35.06
N GLN A 118 -5.00 38.87 -33.97
CA GLN A 118 -4.22 39.70 -33.06
C GLN A 118 -4.75 39.49 -31.65
N ARG A 119 -3.85 39.19 -30.73
CA ARG A 119 -4.23 39.08 -29.34
C ARG A 119 -4.51 40.46 -28.76
N PRO A 120 -5.37 40.55 -27.75
CA PRO A 120 -5.59 41.85 -27.09
C PRO A 120 -4.33 42.33 -26.38
N THR A 121 -4.18 43.64 -26.32
CA THR A 121 -3.11 44.24 -25.53
C THR A 121 -3.69 45.30 -24.60
N ARG A 122 -2.83 46.02 -23.89
CA ARG A 122 -3.31 47.07 -23.00
C ARG A 122 -4.04 48.16 -23.76
N ARG A 123 -3.65 48.43 -25.00
CA ARG A 123 -4.15 49.57 -25.74
C ARG A 123 -4.94 49.21 -26.99
N THR A 124 -5.05 47.92 -27.32
CA THR A 124 -5.75 47.50 -28.51
C THR A 124 -6.61 46.29 -28.19
N LYS A 125 -7.71 46.16 -28.91
CA LYS A 125 -8.60 45.02 -28.75
C LYS A 125 -8.12 43.86 -29.62
N ALA A 126 -8.59 42.66 -29.27
CA ALA A 126 -8.33 41.49 -30.10
C ALA A 126 -8.96 41.66 -31.48
N VAL A 127 -8.32 41.05 -32.47
CA VAL A 127 -8.82 41.05 -33.85
C VAL A 127 -8.89 39.61 -34.33
N GLY A 128 -9.88 39.30 -35.14
CA GLY A 128 -10.02 37.96 -35.65
C GLY A 128 -10.64 37.96 -37.04
N LYS A 129 -10.72 36.76 -37.60
CA LYS A 129 -11.44 36.52 -38.85
C LYS A 129 -12.45 35.41 -38.61
N ILE A 130 -13.62 35.55 -39.21
CA ILE A 130 -14.63 34.50 -39.10
C ILE A 130 -14.33 33.42 -40.13
N VAL A 131 -14.22 32.18 -39.66
CA VAL A 131 -13.90 31.04 -40.51
C VAL A 131 -15.06 30.08 -40.66
N GLU A 132 -16.11 30.23 -39.87
CA GLU A 132 -17.29 29.38 -39.98
C GLU A 132 -18.48 30.15 -39.41
N VAL A 133 -19.61 30.06 -40.09
CA VAL A 133 -20.85 30.72 -39.67
C VAL A 133 -21.87 29.62 -39.37
N LEU A 134 -22.34 29.59 -38.13
CA LEU A 134 -23.33 28.58 -37.72
C LEU A 134 -24.76 29.06 -37.85
N GLY A 135 -24.99 30.38 -37.82
CA GLY A 135 -26.32 30.91 -38.04
C GLY A 135 -27.04 31.32 -36.78
N ASP A 136 -28.37 31.33 -36.84
CA ASP A 136 -29.19 31.90 -35.78
C ASP A 136 -30.25 30.94 -35.24
N ASN A 137 -30.20 29.66 -35.62
CA ASN A 137 -31.14 28.66 -35.10
C ASN A 137 -30.60 28.14 -33.78
N MET A 138 -30.96 28.83 -32.69
CA MET A 138 -30.40 28.55 -31.37
C MET A 138 -31.15 27.38 -30.74
N GLY A 139 -30.80 26.17 -31.20
CA GLY A 139 -31.44 24.97 -30.69
C GLY A 139 -30.46 24.00 -30.07
N THR A 140 -30.90 22.76 -29.84
CA THR A 140 -30.04 21.77 -29.22
C THR A 140 -28.85 21.42 -30.11
N GLY A 141 -29.09 21.29 -31.41
CA GLY A 141 -27.99 21.03 -32.33
C GLY A 141 -26.94 22.11 -32.29
N MET A 142 -27.37 23.37 -32.23
CA MET A 142 -26.44 24.49 -32.09
C MET A 142 -25.63 24.38 -30.81
N ALA A 143 -26.28 24.04 -29.69
CA ALA A 143 -25.57 23.90 -28.43
C ALA A 143 -24.50 22.82 -28.52
N VAL A 144 -24.83 21.70 -29.18
CA VAL A 144 -23.84 20.64 -29.38
C VAL A 144 -22.71 21.13 -30.28
N ASP A 145 -23.07 21.79 -31.39
CA ASP A 145 -22.07 22.35 -32.29
C ASP A 145 -21.13 23.32 -31.56
N ILE A 146 -21.68 24.14 -30.68
CA ILE A 146 -20.87 25.09 -29.93
C ILE A 146 -19.94 24.34 -28.96
N ALA A 147 -20.49 23.36 -28.25
CA ALA A 147 -19.70 22.63 -27.26
C ALA A 147 -18.56 21.86 -27.92
N LEU A 148 -18.81 21.27 -29.10
CA LEU A 148 -17.76 20.54 -29.80
C LEU A 148 -16.59 21.45 -30.15
N ARG A 149 -16.88 22.65 -30.63
CA ARG A 149 -15.82 23.57 -31.03
C ARG A 149 -15.16 24.23 -29.82
N THR A 150 -15.94 24.64 -28.83
CA THR A 150 -15.38 25.26 -27.64
C THR A 150 -14.42 24.32 -26.92
N HIS A 151 -14.82 23.06 -26.76
CA HIS A 151 -14.01 22.09 -26.04
C HIS A 151 -13.06 21.30 -26.94
N GLU A 152 -13.06 21.58 -28.25
CA GLU A 152 -12.15 20.95 -29.20
C GLU A 152 -12.28 19.42 -29.18
N ILE A 153 -13.52 18.95 -29.24
CA ILE A 153 -13.80 17.52 -29.24
C ILE A 153 -13.88 17.07 -30.70
N PRO A 154 -13.10 16.07 -31.11
CA PRO A 154 -13.14 15.63 -32.51
C PRO A 154 -14.48 15.00 -32.86
N TYR A 155 -14.99 15.32 -34.04
CA TYR A 155 -16.27 14.78 -34.45
C TYR A 155 -16.36 14.51 -35.95
N ILE A 156 -15.46 15.09 -36.74
CA ILE A 156 -15.42 14.82 -38.17
C ILE A 156 -14.60 13.55 -38.41
N TRP A 157 -15.16 12.62 -39.17
CA TRP A 157 -14.41 11.42 -39.52
C TRP A 157 -13.42 11.74 -40.63
N PRO A 158 -12.12 11.48 -40.44
CA PRO A 158 -11.16 11.64 -41.54
C PRO A 158 -11.52 10.74 -42.72
N GLN A 159 -11.18 11.21 -43.92
CA GLN A 159 -11.45 10.43 -45.13
C GLN A 159 -10.76 9.07 -45.07
N ALA A 160 -9.58 8.99 -44.46
CA ALA A 160 -8.88 7.71 -44.36
C ALA A 160 -9.63 6.74 -43.46
N VAL A 161 -10.35 7.24 -42.45
CA VAL A 161 -11.16 6.37 -41.61
C VAL A 161 -12.37 5.87 -42.39
N GLU A 162 -13.05 6.78 -43.09
CA GLU A 162 -14.18 6.38 -43.94
C GLU A 162 -13.76 5.30 -44.93
N GLN A 163 -12.58 5.44 -45.53
CA GLN A 163 -12.10 4.45 -46.47
C GLN A 163 -11.79 3.12 -45.80
N GLN A 164 -11.25 3.17 -44.58
CA GLN A 164 -10.93 1.92 -43.88
C GLN A 164 -12.19 1.14 -43.51
N VAL A 165 -13.22 1.84 -43.02
CA VAL A 165 -14.45 1.15 -42.65
C VAL A 165 -15.24 0.71 -43.88
N ALA A 166 -14.99 1.31 -45.04
CA ALA A 166 -15.70 0.92 -46.25
C ALA A 166 -15.27 -0.47 -46.73
N GLY A 167 -14.03 -0.87 -46.42
CA GLY A 167 -13.53 -2.16 -46.83
C GLY A 167 -13.94 -3.33 -45.95
N LEU A 168 -14.71 -3.09 -44.90
CA LEU A 168 -15.12 -4.16 -43.99
C LEU A 168 -16.28 -4.95 -44.56
N LYS A 169 -16.24 -6.27 -44.36
CA LYS A 169 -17.31 -7.15 -44.77
C LYS A 169 -18.43 -7.17 -43.73
N GLU A 170 -19.57 -7.73 -44.12
CA GLU A 170 -20.73 -7.77 -43.25
C GLU A 170 -20.63 -8.87 -42.19
N GLU A 171 -19.95 -9.97 -42.51
CA GLU A 171 -19.90 -11.13 -41.64
C GLU A 171 -18.46 -11.53 -41.38
N VAL A 172 -18.26 -12.23 -40.27
CA VAL A 172 -16.96 -12.79 -39.91
C VAL A 172 -16.67 -13.97 -40.85
N PRO A 173 -15.61 -13.89 -41.65
CA PRO A 173 -15.27 -15.03 -42.51
C PRO A 173 -14.76 -16.21 -41.68
N GLU A 174 -14.94 -17.42 -42.24
CA GLU A 174 -14.60 -18.62 -41.49
C GLU A 174 -13.13 -18.64 -41.10
N GLU A 175 -12.24 -18.10 -41.94
CA GLU A 175 -10.81 -18.16 -41.65
C GLU A 175 -10.46 -17.36 -40.40
N ALA A 176 -11.22 -16.30 -40.09
CA ALA A 176 -10.97 -15.53 -38.89
C ALA A 176 -11.36 -16.28 -37.63
N LYS A 177 -12.22 -17.30 -37.74
CA LYS A 177 -12.65 -18.07 -36.59
C LYS A 177 -11.70 -19.21 -36.24
N ALA A 178 -10.81 -19.59 -37.16
CA ALA A 178 -9.94 -20.72 -36.93
C ALA A 178 -8.99 -20.45 -35.76
N GLY A 179 -8.79 -21.47 -34.93
CA GLY A 179 -7.89 -21.37 -33.79
C GLY A 179 -8.48 -20.74 -32.55
N ARG A 180 -9.71 -20.23 -32.63
CA ARG A 180 -10.33 -19.59 -31.48
C ARG A 180 -11.15 -20.60 -30.67
N VAL A 181 -11.28 -20.31 -29.38
CA VAL A 181 -12.17 -21.08 -28.52
C VAL A 181 -13.59 -20.92 -29.03
N ASP A 182 -14.28 -22.05 -29.20
CA ASP A 182 -15.63 -22.04 -29.75
C ASP A 182 -16.64 -21.96 -28.60
N LEU A 183 -17.24 -20.78 -28.42
CA LEU A 183 -18.26 -20.56 -27.41
C LEU A 183 -19.65 -20.38 -28.02
N ARG A 184 -19.84 -20.77 -29.27
CA ARG A 184 -21.10 -20.48 -29.95
C ARG A 184 -22.28 -21.25 -29.36
N ASP A 185 -22.03 -22.32 -28.62
CA ASP A 185 -23.10 -23.05 -27.94
C ASP A 185 -23.28 -22.61 -26.49
N LEU A 186 -22.45 -21.69 -26.00
CA LEU A 186 -22.61 -21.16 -24.66
C LEU A 186 -23.73 -20.12 -24.65
N PRO A 187 -24.68 -20.18 -23.69
CA PRO A 187 -25.81 -19.25 -23.66
C PRO A 187 -25.45 -17.83 -23.22
N LEU A 188 -24.41 -17.27 -23.83
CA LEU A 188 -24.10 -15.87 -23.60
C LEU A 188 -25.22 -14.98 -24.13
N VAL A 189 -25.56 -13.94 -23.36
CA VAL A 189 -26.57 -12.97 -23.75
C VAL A 189 -26.02 -11.57 -23.52
N THR A 190 -26.58 -10.62 -24.24
CA THR A 190 -26.30 -9.20 -24.02
C THR A 190 -27.46 -8.56 -23.29
N ILE A 191 -27.16 -7.64 -22.38
CA ILE A 191 -28.17 -6.93 -21.61
C ILE A 191 -27.82 -5.46 -21.66
N ASP A 192 -28.65 -4.67 -22.34
CA ASP A 192 -28.38 -3.26 -22.59
C ASP A 192 -29.69 -2.50 -22.58
N GLY A 193 -29.57 -1.17 -22.58
CA GLY A 193 -30.76 -0.34 -22.68
C GLY A 193 -31.49 -0.53 -24.00
N GLU A 194 -32.75 -0.09 -24.01
CA GLU A 194 -33.59 -0.22 -25.20
C GLU A 194 -32.96 0.50 -26.40
N ASP A 195 -32.31 1.63 -26.16
CA ASP A 195 -31.82 2.48 -27.23
C ASP A 195 -30.39 2.14 -27.67
N ALA A 196 -29.74 1.19 -27.00
CA ALA A 196 -28.39 0.81 -27.38
C ALA A 196 -28.39 0.02 -28.68
N ARG A 197 -27.31 0.19 -29.46
CA ARG A 197 -27.09 -0.59 -30.66
C ARG A 197 -25.69 -1.16 -30.75
N ASP A 198 -24.83 -0.88 -29.76
CA ASP A 198 -23.47 -1.41 -29.73
C ASP A 198 -23.34 -2.25 -28.45
N PHE A 199 -23.46 -3.56 -28.58
CA PHE A 199 -23.37 -4.48 -27.45
C PHE A 199 -21.98 -5.09 -27.47
N ASP A 200 -21.09 -4.56 -26.63
CA ASP A 200 -19.72 -5.07 -26.61
C ASP A 200 -19.41 -5.91 -25.37
N ASP A 201 -20.43 -6.28 -24.59
CA ASP A 201 -20.24 -7.27 -23.53
C ASP A 201 -21.41 -8.25 -23.49
N ALA A 202 -21.09 -9.50 -23.20
CA ALA A 202 -22.08 -10.56 -23.01
C ALA A 202 -21.67 -11.39 -21.81
N VAL A 203 -22.66 -12.00 -21.15
CA VAL A 203 -22.42 -12.69 -19.90
C VAL A 203 -23.11 -14.04 -19.88
N TYR A 204 -22.53 -14.96 -19.11
CA TYR A 204 -23.10 -16.27 -18.82
C TYR A 204 -22.40 -16.79 -17.57
N CYS A 205 -23.14 -17.51 -16.73
CA CYS A 205 -22.51 -18.10 -15.56
C CYS A 205 -23.21 -19.40 -15.17
N GLU A 206 -22.45 -20.26 -14.49
CA GLU A 206 -22.91 -21.54 -13.99
C GLU A 206 -22.48 -21.70 -12.54
N LYS A 207 -23.22 -22.54 -11.82
CA LYS A 207 -22.77 -22.97 -10.51
C LYS A 207 -21.51 -23.81 -10.65
N LYS A 208 -20.56 -23.61 -9.75
CA LYS A 208 -19.29 -24.33 -9.78
C LYS A 208 -19.37 -25.57 -8.89
N ARG A 209 -18.81 -26.67 -9.37
CA ARG A 209 -18.81 -27.92 -8.62
C ARG A 209 -18.13 -27.71 -7.27
N GLY A 210 -18.86 -27.96 -6.19
CA GLY A 210 -18.34 -27.78 -4.85
C GLY A 210 -18.56 -26.41 -4.25
N GLY A 211 -19.23 -25.50 -4.96
CA GLY A 211 -19.49 -24.18 -4.43
C GLY A 211 -18.97 -23.06 -5.30
N GLY A 212 -19.69 -21.95 -5.32
CA GLY A 212 -19.28 -20.81 -6.12
C GLY A 212 -19.80 -20.87 -7.54
N TRP A 213 -19.17 -20.08 -8.40
CA TRP A 213 -19.65 -19.91 -9.77
C TRP A 213 -18.48 -19.90 -10.74
N ARG A 214 -18.79 -20.22 -11.99
CA ARG A 214 -17.92 -19.96 -13.13
C ARG A 214 -18.61 -18.94 -14.01
N LEU A 215 -17.93 -17.84 -14.31
CA LEU A 215 -18.51 -16.72 -15.03
C LEU A 215 -17.71 -16.45 -16.30
N TRP A 216 -18.42 -16.32 -17.42
CA TRP A 216 -17.83 -15.91 -18.69
C TRP A 216 -18.26 -14.47 -18.99
N VAL A 217 -17.29 -13.59 -19.23
CA VAL A 217 -17.54 -12.25 -19.70
C VAL A 217 -16.88 -12.13 -21.07
N ALA A 218 -17.69 -12.04 -22.11
CA ALA A 218 -17.19 -11.95 -23.48
C ALA A 218 -17.31 -10.51 -23.97
N ILE A 219 -16.20 -9.98 -24.47
CA ILE A 219 -16.11 -8.60 -24.91
C ILE A 219 -15.85 -8.57 -26.40
N ALA A 220 -16.51 -7.63 -27.11
CA ALA A 220 -16.25 -7.45 -28.53
C ALA A 220 -14.75 -7.29 -28.78
N ASP A 221 -14.27 -7.96 -29.82
CA ASP A 221 -12.84 -8.03 -30.12
C ASP A 221 -12.43 -6.80 -30.94
N VAL A 222 -12.47 -5.64 -30.28
CA VAL A 222 -12.25 -4.38 -30.98
C VAL A 222 -10.82 -4.27 -31.47
N SER A 223 -9.85 -4.74 -30.67
CA SER A 223 -8.45 -4.63 -31.09
C SER A 223 -8.12 -5.54 -32.26
N TYR A 224 -8.96 -6.55 -32.53
CA TYR A 224 -8.79 -7.31 -33.76
C TYR A 224 -9.10 -6.46 -34.98
N TYR A 225 -10.10 -5.59 -34.88
CA TYR A 225 -10.53 -4.78 -36.01
C TYR A 225 -9.84 -3.42 -36.07
N VAL A 226 -9.36 -2.91 -34.93
CA VAL A 226 -8.70 -1.61 -34.87
C VAL A 226 -7.26 -1.89 -34.44
N ARG A 227 -6.31 -1.95 -35.46
CA ARG A 227 -4.89 -2.25 -35.28
C ARG A 227 -4.10 -0.97 -35.07
N PRO A 228 -2.96 -1.06 -34.34
CA PRO A 228 -2.20 0.16 -34.03
C PRO A 228 -1.78 0.93 -35.28
N SER A 229 -1.87 2.25 -35.18
CA SER A 229 -1.43 3.23 -36.19
C SER A 229 -2.26 3.23 -37.46
N THR A 230 -3.37 2.47 -37.50
CA THR A 230 -4.30 2.57 -38.60
C THR A 230 -5.12 3.85 -38.45
N PRO A 231 -5.79 4.30 -39.53
CA PRO A 231 -6.68 5.47 -39.39
C PRO A 231 -7.70 5.32 -38.27
N LEU A 232 -8.34 4.15 -38.16
CA LEU A 232 -9.29 3.91 -37.08
C LEU A 232 -8.64 4.08 -35.72
N ASP A 233 -7.42 3.57 -35.55
CA ASP A 233 -6.74 3.66 -34.26
C ASP A 233 -6.37 5.10 -33.94
N ARG A 234 -5.79 5.82 -34.91
CA ARG A 234 -5.37 7.19 -34.66
C ARG A 234 -6.55 8.07 -34.28
N GLU A 235 -7.70 7.88 -34.92
CA GLU A 235 -8.86 8.68 -34.58
C GLU A 235 -9.50 8.23 -33.28
N ALA A 236 -9.46 6.92 -32.99
CA ALA A 236 -9.94 6.45 -31.69
C ALA A 236 -9.10 7.06 -30.55
N ARG A 237 -7.78 7.05 -30.70
CA ARG A 237 -6.91 7.67 -29.71
C ARG A 237 -7.20 9.16 -29.59
N ASN A 238 -7.34 9.85 -30.74
CA ASN A 238 -7.67 11.26 -30.77
C ASN A 238 -8.92 11.55 -29.93
N ARG A 239 -9.95 10.73 -30.07
CA ARG A 239 -11.18 10.95 -29.33
C ARG A 239 -11.06 10.47 -27.88
N GLY A 240 -10.34 9.38 -27.63
CA GLY A 240 -10.11 8.89 -26.29
C GLY A 240 -11.28 8.17 -25.65
N THR A 241 -12.50 8.54 -26.06
CA THR A 241 -13.73 8.03 -25.48
C THR A 241 -14.90 8.51 -26.31
N SER A 242 -15.99 7.74 -26.30
CA SER A 242 -17.25 8.26 -26.81
C SER A 242 -17.73 9.40 -25.94
N VAL A 243 -18.47 10.33 -26.55
CA VAL A 243 -19.02 11.49 -25.87
C VAL A 243 -20.54 11.42 -25.96
N TYR A 244 -21.22 11.40 -24.82
CA TYR A 244 -22.67 11.20 -24.76
C TYR A 244 -23.36 12.51 -24.42
N PHE A 245 -23.51 13.37 -25.41
CA PHE A 245 -24.36 14.53 -25.25
C PHE A 245 -25.81 14.08 -25.07
N PRO A 246 -26.61 14.85 -24.33
CA PRO A 246 -28.06 14.62 -24.37
C PRO A 246 -28.56 14.78 -25.80
N SER A 247 -29.12 13.70 -26.34
CA SER A 247 -29.72 13.55 -27.67
C SER A 247 -28.69 13.26 -28.77
N GLN A 248 -27.40 13.12 -28.47
CA GLN A 248 -26.44 12.90 -29.55
C GLN A 248 -25.16 12.29 -29.00
N VAL A 249 -24.78 11.12 -29.52
CA VAL A 249 -23.53 10.46 -29.15
C VAL A 249 -22.49 10.77 -30.22
N ILE A 250 -21.31 11.17 -29.79
CA ILE A 250 -20.14 11.26 -30.67
C ILE A 250 -19.29 10.04 -30.38
N PRO A 251 -19.35 8.99 -31.21
CA PRO A 251 -18.71 7.73 -30.86
C PRO A 251 -17.21 7.75 -31.11
N MET A 252 -16.50 6.99 -30.29
CA MET A 252 -15.06 6.84 -30.47
C MET A 252 -14.73 6.14 -31.78
N LEU A 253 -15.60 5.23 -32.23
CA LEU A 253 -15.42 4.47 -33.45
C LEU A 253 -16.65 4.63 -34.33
N PRO A 254 -16.49 4.57 -35.66
CA PRO A 254 -17.64 4.77 -36.56
C PRO A 254 -18.79 3.82 -36.27
N GLU A 255 -20.01 4.32 -36.50
CA GLU A 255 -21.22 3.58 -36.16
C GLU A 255 -21.32 2.27 -36.92
N VAL A 256 -20.82 2.22 -38.16
CA VAL A 256 -20.92 0.99 -38.94
C VAL A 256 -20.08 -0.12 -38.31
N LEU A 257 -18.96 0.25 -37.66
CA LEU A 257 -18.15 -0.73 -36.96
C LEU A 257 -18.71 -1.06 -35.58
N SER A 258 -19.13 -0.03 -34.83
CA SER A 258 -19.61 -0.23 -33.48
C SER A 258 -20.88 -1.08 -33.45
N ASN A 259 -21.75 -0.91 -34.44
CA ASN A 259 -23.01 -1.61 -34.49
C ASN A 259 -22.93 -2.91 -35.29
N GLY A 260 -21.82 -3.17 -35.96
CA GLY A 260 -21.68 -4.35 -36.80
C GLY A 260 -20.73 -5.40 -36.26
N LEU A 261 -19.51 -5.46 -36.82
CA LEU A 261 -18.57 -6.51 -36.45
C LEU A 261 -18.10 -6.39 -35.00
N CYS A 262 -18.16 -5.20 -34.40
CA CYS A 262 -17.76 -5.01 -33.01
C CYS A 262 -18.95 -4.96 -32.07
N SER A 263 -20.12 -5.40 -32.52
CA SER A 263 -21.28 -5.56 -31.66
C SER A 263 -21.62 -7.03 -31.56
N LEU A 264 -21.85 -7.51 -30.33
CA LEU A 264 -22.21 -8.90 -30.10
C LEU A 264 -23.70 -9.09 -30.39
N ASN A 265 -24.03 -8.99 -31.68
CA ASN A 265 -25.41 -9.01 -32.10
C ASN A 265 -26.01 -10.42 -31.96
N PRO A 266 -27.32 -10.52 -31.80
CA PRO A 266 -27.92 -11.84 -31.46
C PRO A 266 -27.87 -12.80 -32.64
N GLN A 267 -27.46 -14.04 -32.34
CA GLN A 267 -27.55 -15.17 -33.27
C GLN A 267 -26.74 -14.93 -34.55
N VAL A 268 -25.61 -14.24 -34.40
CA VAL A 268 -24.62 -14.12 -35.47
C VAL A 268 -23.25 -14.37 -34.86
N ASP A 269 -22.38 -15.06 -35.61
CA ASP A 269 -21.04 -15.32 -35.14
C ASP A 269 -20.26 -14.03 -34.98
N ARG A 270 -19.59 -13.90 -33.84
CA ARG A 270 -18.82 -12.70 -33.52
C ARG A 270 -17.50 -13.11 -32.87
N LEU A 271 -16.43 -12.44 -33.25
CA LEU A 271 -15.17 -12.58 -32.55
C LEU A 271 -15.24 -11.83 -31.23
N CYS A 272 -14.60 -12.39 -30.21
CA CYS A 272 -14.67 -11.78 -28.89
C CYS A 272 -13.41 -12.10 -28.10
N MET A 273 -13.16 -11.29 -27.07
CA MET A 273 -12.12 -11.54 -26.08
C MET A 273 -12.80 -11.87 -24.76
N VAL A 274 -12.49 -13.03 -24.21
CA VAL A 274 -13.24 -13.61 -23.10
C VAL A 274 -12.38 -13.60 -21.85
N CYS A 275 -12.99 -13.22 -20.74
CA CYS A 275 -12.41 -13.44 -19.41
C CYS A 275 -13.29 -14.46 -18.71
N GLU A 276 -12.72 -15.63 -18.41
CA GLU A 276 -13.46 -16.72 -17.78
C GLU A 276 -12.96 -16.86 -16.34
N MET A 277 -13.88 -16.76 -15.38
CA MET A 277 -13.51 -16.57 -13.99
C MET A 277 -14.20 -17.59 -13.11
N THR A 278 -13.55 -17.95 -12.01
CA THR A 278 -14.18 -18.69 -10.94
C THR A 278 -14.35 -17.79 -9.73
N VAL A 279 -15.49 -17.94 -9.06
CA VAL A 279 -15.89 -17.10 -7.94
C VAL A 279 -16.28 -18.02 -6.79
N SER A 280 -15.88 -17.65 -5.57
CA SER A 280 -16.20 -18.47 -4.42
C SER A 280 -17.68 -18.32 -4.05
N SER A 281 -18.13 -19.19 -3.15
CA SER A 281 -19.49 -19.07 -2.63
C SER A 281 -19.70 -17.78 -1.87
N LYS A 282 -18.63 -17.10 -1.47
CA LYS A 282 -18.70 -15.82 -0.78
C LYS A 282 -18.42 -14.64 -1.71
N GLY A 283 -18.35 -14.88 -3.02
CA GLY A 283 -18.24 -13.80 -3.97
C GLY A 283 -16.85 -13.28 -4.21
N ARG A 284 -15.83 -14.06 -3.88
CA ARG A 284 -14.44 -13.67 -4.08
C ARG A 284 -13.90 -14.31 -5.35
N LEU A 285 -13.19 -13.50 -6.13
CA LEU A 285 -12.53 -14.01 -7.34
C LEU A 285 -11.46 -15.01 -6.95
N THR A 286 -11.60 -16.25 -7.42
CA THR A 286 -10.62 -17.30 -7.12
C THR A 286 -9.72 -17.63 -8.31
N GLY A 287 -10.02 -17.14 -9.49
CA GLY A 287 -9.17 -17.44 -10.65
C GLY A 287 -9.76 -16.81 -11.89
N TYR A 288 -8.92 -16.71 -12.91
CA TYR A 288 -9.32 -16.11 -14.17
C TYR A 288 -8.44 -16.62 -15.30
N LYS A 289 -8.98 -16.56 -16.51
CA LYS A 289 -8.24 -16.85 -17.73
C LYS A 289 -8.77 -15.93 -18.83
N PHE A 290 -7.89 -15.58 -19.76
CA PHE A 290 -8.24 -14.79 -20.93
C PHE A 290 -7.96 -15.61 -22.19
N TYR A 291 -8.85 -15.49 -23.17
CA TYR A 291 -8.62 -16.14 -24.45
C TYR A 291 -9.48 -15.50 -25.53
N GLU A 292 -9.00 -15.60 -26.76
CA GLU A 292 -9.76 -15.18 -27.92
C GLU A 292 -10.76 -16.27 -28.30
N ALA A 293 -11.97 -15.86 -28.65
CA ALA A 293 -13.04 -16.82 -28.90
C ALA A 293 -13.91 -16.34 -30.04
N VAL A 294 -14.83 -17.22 -30.44
CA VAL A 294 -15.94 -16.87 -31.32
C VAL A 294 -17.22 -17.26 -30.60
N MET A 295 -18.23 -16.41 -30.67
CA MET A 295 -19.46 -16.61 -29.91
C MET A 295 -20.65 -16.33 -30.81
N SER A 296 -21.83 -16.67 -30.30
CA SER A 296 -23.11 -16.33 -30.94
C SER A 296 -24.07 -15.99 -29.82
N SER A 297 -24.34 -14.71 -29.62
CA SER A 297 -25.25 -14.29 -28.56
C SER A 297 -26.59 -14.96 -28.71
N HIS A 298 -27.06 -15.57 -27.62
CA HIS A 298 -28.33 -16.29 -27.65
C HIS A 298 -29.53 -15.38 -27.51
N ALA A 299 -29.34 -14.11 -27.12
CA ALA A 299 -30.44 -13.16 -27.04
C ALA A 299 -29.89 -11.76 -26.83
N ARG A 300 -30.53 -10.78 -27.48
CA ARG A 300 -30.35 -9.38 -27.16
C ARG A 300 -31.45 -9.00 -26.17
N LEU A 301 -31.09 -8.77 -24.92
CA LEU A 301 -32.04 -8.45 -23.87
C LEU A 301 -31.87 -7.01 -23.41
N THR A 302 -32.92 -6.50 -22.78
CA THR A 302 -32.86 -5.21 -22.12
C THR A 302 -32.82 -5.41 -20.61
N TYR A 303 -32.36 -4.39 -19.90
CA TYR A 303 -32.41 -4.44 -18.44
C TYR A 303 -33.84 -4.61 -17.96
N THR A 304 -34.78 -3.93 -18.61
CA THR A 304 -36.19 -4.02 -18.23
C THR A 304 -36.69 -5.46 -18.36
N LYS A 305 -36.36 -6.11 -19.48
CA LYS A 305 -36.80 -7.49 -19.69
C LYS A 305 -36.19 -8.43 -18.66
N VAL A 306 -34.90 -8.28 -18.38
CA VAL A 306 -34.25 -9.17 -17.42
C VAL A 306 -34.84 -8.98 -16.03
N TRP A 307 -35.06 -7.72 -15.62
CA TRP A 307 -35.63 -7.49 -14.29
C TRP A 307 -37.04 -8.08 -14.18
N HIS A 308 -37.86 -7.91 -15.22
CA HIS A 308 -39.20 -8.49 -15.20
C HIS A 308 -39.15 -10.01 -15.13
N ILE A 309 -38.20 -10.62 -15.86
CA ILE A 309 -38.03 -12.07 -15.79
C ILE A 309 -37.70 -12.50 -14.37
N LEU A 310 -36.76 -11.79 -13.72
CA LEU A 310 -36.38 -12.15 -12.36
C LEU A 310 -37.52 -11.94 -11.38
N GLN A 311 -38.42 -10.99 -11.67
CA GLN A 311 -39.59 -10.75 -10.84
C GLN A 311 -40.69 -11.77 -11.06
N GLY A 312 -40.61 -12.57 -12.11
CA GLY A 312 -41.57 -13.62 -12.36
C GLY A 312 -42.57 -13.38 -13.50
N ASP A 313 -42.27 -12.48 -14.43
CA ASP A 313 -43.22 -12.15 -15.48
C ASP A 313 -43.48 -13.35 -16.38
N GLN A 314 -44.75 -13.71 -16.54
CA GLN A 314 -45.10 -14.95 -17.24
C GLN A 314 -44.72 -14.90 -18.71
N ASP A 315 -45.12 -13.83 -19.40
CA ASP A 315 -44.91 -13.76 -20.85
C ASP A 315 -43.44 -13.79 -21.21
N LEU A 316 -42.61 -13.02 -20.49
CA LEU A 316 -41.19 -13.00 -20.78
C LEU A 316 -40.52 -14.32 -20.39
N ARG A 317 -40.92 -14.90 -19.27
CA ARG A 317 -40.33 -16.18 -18.88
C ARG A 317 -40.75 -17.30 -19.83
N GLU A 318 -41.91 -17.18 -20.47
CA GLU A 318 -42.26 -18.15 -21.51
C GLU A 318 -41.50 -17.88 -22.79
N GLN A 319 -41.40 -16.62 -23.20
CA GLN A 319 -40.71 -16.28 -24.45
C GLN A 319 -39.24 -16.66 -24.38
N TYR A 320 -38.59 -16.41 -23.25
CA TYR A 320 -37.16 -16.68 -23.08
C TYR A 320 -36.92 -17.87 -22.16
N ALA A 321 -37.82 -18.87 -22.21
CA ALA A 321 -37.78 -20.00 -21.29
C ALA A 321 -36.40 -20.67 -21.17
N PRO A 322 -35.69 -20.98 -22.26
CA PRO A 322 -34.39 -21.67 -22.09
C PRO A 322 -33.34 -20.84 -21.37
N LEU A 323 -33.52 -19.52 -21.28
CA LEU A 323 -32.55 -18.65 -20.65
C LEU A 323 -32.90 -18.27 -19.21
N VAL A 324 -34.11 -18.61 -18.74
CA VAL A 324 -34.56 -18.14 -17.44
C VAL A 324 -33.62 -18.63 -16.34
N LYS A 325 -33.26 -19.91 -16.35
CA LYS A 325 -32.38 -20.43 -15.29
C LYS A 325 -31.01 -19.78 -15.34
N HIS A 326 -30.53 -19.43 -16.54
CA HIS A 326 -29.24 -18.76 -16.64
C HIS A 326 -29.30 -17.31 -16.18
N LEU A 327 -30.42 -16.63 -16.43
CA LEU A 327 -30.57 -15.28 -15.89
C LEU A 327 -30.72 -15.30 -14.38
N GLU A 328 -31.43 -16.29 -13.84
CA GLU A 328 -31.54 -16.40 -12.39
C GLU A 328 -30.20 -16.74 -11.75
N GLU A 329 -29.34 -17.50 -12.46
CA GLU A 329 -28.03 -17.81 -11.89
C GLU A 329 -27.14 -16.57 -11.85
N LEU A 330 -27.17 -15.74 -12.90
CA LEU A 330 -26.46 -14.48 -12.86
C LEU A 330 -26.94 -13.63 -11.69
N HIS A 331 -28.24 -13.64 -11.42
CA HIS A 331 -28.77 -12.88 -10.30
C HIS A 331 -28.27 -13.44 -8.97
N ASN A 332 -28.24 -14.78 -8.85
CA ASN A 332 -27.67 -15.41 -7.67
C ASN A 332 -26.23 -14.97 -7.45
N LEU A 333 -25.43 -15.01 -8.51
CA LEU A 333 -24.05 -14.55 -8.42
C LEU A 333 -23.99 -13.09 -8.00
N TYR A 334 -24.85 -12.26 -8.59
CA TYR A 334 -24.84 -10.83 -8.28
C TYR A 334 -25.03 -10.59 -6.79
N LYS A 335 -25.98 -11.28 -6.18
CA LYS A 335 -26.28 -11.06 -4.76
C LYS A 335 -25.05 -11.26 -3.90
N VAL A 336 -24.26 -12.29 -4.19
CA VAL A 336 -23.07 -12.55 -3.42
C VAL A 336 -21.95 -11.57 -3.78
N LEU A 337 -21.90 -11.12 -5.03
CA LEU A 337 -20.93 -10.10 -5.42
C LEU A 337 -21.22 -8.76 -4.75
N ASP A 338 -22.51 -8.41 -4.64
CA ASP A 338 -22.87 -7.17 -3.97
C ASP A 338 -22.56 -7.23 -2.48
N LYS A 339 -22.79 -8.40 -1.86
CA LYS A 339 -22.44 -8.55 -0.46
C LYS A 339 -20.93 -8.51 -0.26
N ALA A 340 -20.18 -9.08 -1.22
CA ALA A 340 -18.72 -9.05 -1.13
C ALA A 340 -18.18 -7.63 -1.21
N ARG A 341 -18.76 -6.81 -2.10
CA ARG A 341 -18.33 -5.41 -2.18
C ARG A 341 -18.62 -4.68 -0.87
N GLU A 342 -19.77 -4.97 -0.26
CA GLU A 342 -20.11 -4.38 1.04
C GLU A 342 -19.07 -4.75 2.10
N GLU A 343 -18.79 -6.05 2.23
CA GLU A 343 -17.80 -6.51 3.20
C GLU A 343 -16.41 -5.97 2.89
N ARG A 344 -16.11 -5.77 1.61
CA ARG A 344 -14.83 -5.20 1.19
C ARG A 344 -14.65 -3.78 1.69
N GLY A 345 -15.74 -3.08 2.00
CA GLY A 345 -15.68 -1.68 2.33
C GLY A 345 -15.95 -0.75 1.17
N GLY A 346 -16.46 -1.27 0.06
CA GLY A 346 -16.78 -0.40 -1.07
C GLY A 346 -17.79 0.66 -0.67
N ILE A 347 -17.55 1.88 -1.13
CA ILE A 347 -18.37 3.03 -0.77
C ILE A 347 -19.51 3.12 -1.78
N SER A 348 -20.73 2.83 -1.33
CA SER A 348 -21.90 2.87 -2.19
C SER A 348 -23.03 3.65 -1.53
N GLU A 352 -29.09 7.73 -8.63
CA GLU A 352 -30.32 8.46 -8.89
C GLU A 352 -30.04 9.61 -9.86
N GLU A 353 -30.38 9.42 -11.12
CA GLU A 353 -29.99 10.33 -12.19
C GLU A 353 -31.19 10.71 -13.04
N ALA A 354 -31.02 11.79 -13.79
CA ALA A 354 -32.07 12.30 -14.66
C ALA A 354 -32.14 11.49 -15.95
N LYS A 355 -33.35 11.37 -16.48
CA LYS A 355 -33.58 10.84 -17.82
C LYS A 355 -34.40 11.86 -18.58
N PHE A 356 -33.85 12.40 -19.66
CA PHE A 356 -34.55 13.37 -20.49
C PHE A 356 -35.40 12.65 -21.52
N ILE A 357 -36.66 13.07 -21.64
CA ILE A 357 -37.52 12.66 -22.75
C ILE A 357 -37.59 13.83 -23.72
N PHE A 358 -37.19 13.59 -24.97
CA PHE A 358 -37.06 14.66 -25.96
C PHE A 358 -38.28 14.72 -26.87
N ASN A 359 -38.66 15.94 -27.27
CA ASN A 359 -39.70 16.14 -28.26
C ASN A 359 -39.07 16.20 -29.65
N ALA A 360 -39.87 16.52 -30.67
CA ALA A 360 -39.37 16.53 -32.04
C ALA A 360 -38.31 17.60 -32.26
N GLU A 361 -38.29 18.66 -31.46
CA GLU A 361 -37.30 19.73 -31.57
C GLU A 361 -36.05 19.48 -30.74
N ARG A 362 -35.86 18.24 -30.27
CA ARG A 362 -34.74 17.88 -29.40
C ARG A 362 -34.72 18.70 -28.10
N ARG A 363 -35.85 19.24 -27.69
CA ARG A 363 -35.97 19.88 -26.39
C ARG A 363 -36.53 18.89 -25.38
N ILE A 364 -36.27 19.17 -24.09
CA ILE A 364 -36.81 18.32 -23.04
C ILE A 364 -38.33 18.44 -23.03
N GLU A 365 -39.02 17.33 -23.22
CA GLU A 365 -40.46 17.29 -23.06
C GLU A 365 -40.84 17.05 -21.60
N ARG A 366 -40.16 16.12 -20.94
CA ARG A 366 -40.33 15.92 -19.51
C ARG A 366 -39.06 15.27 -18.97
N ILE A 367 -38.94 15.29 -17.65
CA ILE A 367 -37.78 14.74 -16.96
C ILE A 367 -38.25 13.63 -16.05
N GLU A 368 -37.65 12.45 -16.19
CA GLU A 368 -37.93 11.32 -15.33
C GLU A 368 -36.67 10.96 -14.55
N GLN A 369 -36.86 10.13 -13.53
CA GLN A 369 -35.74 9.57 -12.79
C GLN A 369 -35.36 8.23 -13.41
N THR A 370 -34.07 8.03 -13.66
CA THR A 370 -33.62 6.77 -14.22
C THR A 370 -33.97 5.61 -13.29
N GLN A 371 -34.50 4.54 -13.86
CA GLN A 371 -34.79 3.33 -13.11
C GLN A 371 -33.54 2.46 -13.08
N ARG A 372 -33.18 1.99 -11.89
CA ARG A 372 -31.94 1.25 -11.68
C ARG A 372 -32.26 0.03 -10.83
N ASN A 373 -32.10 -1.15 -11.41
CA ASN A 373 -32.54 -2.37 -10.74
C ASN A 373 -31.45 -3.43 -10.73
N ASP A 374 -31.78 -4.63 -10.24
CA ASP A 374 -30.77 -5.69 -10.12
C ASP A 374 -30.21 -6.13 -11.47
N ALA A 375 -30.93 -5.91 -12.57
CA ALA A 375 -30.38 -6.23 -13.88
C ALA A 375 -29.23 -5.31 -14.23
N HIS A 376 -29.38 -4.01 -13.96
CA HIS A 376 -28.27 -3.08 -14.14
C HIS A 376 -27.09 -3.47 -13.26
N LYS A 377 -27.37 -3.84 -12.02
CA LYS A 377 -26.33 -4.06 -11.03
C LYS A 377 -25.61 -5.39 -11.25
N LEU A 378 -26.30 -6.42 -11.74
CA LEU A 378 -25.61 -7.68 -12.01
C LEU A 378 -24.62 -7.51 -13.14
N ILE A 379 -24.98 -6.73 -14.17
CA ILE A 379 -24.02 -6.44 -15.24
C ILE A 379 -22.82 -5.69 -14.68
N GLU A 380 -23.09 -4.69 -13.84
CA GLU A 380 -22.01 -3.87 -13.29
C GLU A 380 -21.02 -4.72 -12.51
N GLU A 381 -21.51 -5.59 -11.63
CA GLU A 381 -20.61 -6.41 -10.83
C GLU A 381 -19.90 -7.45 -11.68
N CYS A 382 -20.54 -7.96 -12.72
CA CYS A 382 -19.87 -8.90 -13.62
C CYS A 382 -18.74 -8.23 -14.38
N MET A 383 -18.94 -6.99 -14.83
CA MET A 383 -17.87 -6.28 -15.52
C MET A 383 -16.73 -5.94 -14.56
N ILE A 384 -17.06 -5.64 -13.31
CA ILE A 384 -16.02 -5.30 -12.32
C ILE A 384 -15.10 -6.50 -12.10
N LEU A 385 -15.64 -7.72 -12.09
CA LEU A 385 -14.80 -8.91 -11.93
C LEU A 385 -13.82 -9.05 -13.08
N ALA A 386 -14.30 -8.91 -14.31
CA ALA A 386 -13.40 -9.00 -15.46
C ALA A 386 -12.37 -7.88 -15.43
N ASN A 387 -12.79 -6.68 -15.00
CA ASN A 387 -11.86 -5.56 -14.87
C ASN A 387 -10.76 -5.86 -13.86
N ILE A 388 -11.12 -6.45 -12.72
CA ILE A 388 -10.12 -6.85 -11.73
C ILE A 388 -9.16 -7.87 -12.31
N SER A 389 -9.72 -8.90 -12.97
CA SER A 389 -8.89 -9.95 -13.55
C SER A 389 -7.88 -9.38 -14.55
N ALA A 390 -8.33 -8.44 -15.40
CA ALA A 390 -7.43 -7.85 -16.38
C ALA A 390 -6.31 -7.07 -15.70
N ALA A 391 -6.64 -6.30 -14.66
CA ALA A 391 -5.61 -5.55 -13.94
C ALA A 391 -4.62 -6.50 -13.25
N ARG A 392 -5.13 -7.55 -12.60
CA ARG A 392 -4.24 -8.53 -12.00
C ARG A 392 -3.35 -9.20 -13.04
N PHE A 393 -3.89 -9.40 -14.25
CA PHE A 393 -3.16 -10.08 -15.31
C PHE A 393 -1.95 -9.27 -15.76
N VAL A 394 -2.16 -7.99 -16.10
CA VAL A 394 -1.04 -7.18 -16.56
C VAL A 394 -0.11 -6.82 -15.40
N GLU A 395 -0.64 -6.73 -14.18
CA GLU A 395 0.21 -6.42 -13.04
C GLU A 395 1.15 -7.58 -12.73
N LYS A 396 0.65 -8.82 -12.83
CA LYS A 396 1.50 -9.98 -12.63
C LYS A 396 2.64 -10.00 -13.64
N ALA A 397 2.37 -9.65 -14.88
CA ALA A 397 3.38 -9.64 -15.93
C ALA A 397 4.20 -8.36 -15.95
N LYS A 398 3.87 -7.38 -15.10
CA LYS A 398 4.50 -6.06 -15.13
C LYS A 398 4.49 -5.50 -16.55
N GLU A 399 3.34 -5.65 -17.21
CA GLU A 399 3.17 -5.18 -18.58
C GLU A 399 2.64 -3.76 -18.57
N PRO A 400 3.28 -2.81 -19.25
CA PRO A 400 2.78 -1.43 -19.24
C PRO A 400 1.33 -1.34 -19.68
N ALA A 401 0.49 -0.76 -18.82
CA ALA A 401 -0.94 -0.69 -19.07
C ALA A 401 -1.53 0.39 -18.18
N LEU A 402 -2.71 0.86 -18.57
CA LEU A 402 -3.42 1.88 -17.81
C LEU A 402 -4.25 1.22 -16.72
N PHE A 403 -3.89 1.44 -15.47
CA PHE A 403 -4.78 1.07 -14.38
C PHE A 403 -5.83 2.16 -14.19
N ARG A 404 -7.01 1.74 -13.77
CA ARG A 404 -8.06 2.69 -13.40
C ARG A 404 -7.92 2.92 -11.90
N ILE A 405 -7.36 4.06 -11.52
CA ILE A 405 -7.01 4.29 -10.13
C ILE A 405 -7.89 5.39 -9.57
N HIS A 406 -8.06 5.36 -8.25
CA HIS A 406 -8.90 6.30 -7.52
C HIS A 406 -8.20 6.55 -6.20
N ASP A 407 -7.55 7.71 -6.09
CA ASP A 407 -6.62 7.96 -5.00
C ASP A 407 -7.35 8.13 -3.67
N LYS A 408 -6.61 7.87 -2.59
CA LYS A 408 -7.10 8.13 -1.25
C LYS A 408 -7.43 9.60 -1.09
N PRO A 409 -8.37 9.93 -0.19
CA PRO A 409 -8.74 11.34 0.00
C PRO A 409 -7.58 12.14 0.55
N SER A 410 -7.59 13.45 0.27
CA SER A 410 -6.52 14.31 0.71
C SER A 410 -6.60 14.54 2.22
N THR A 411 -5.49 15.02 2.79
CA THR A 411 -5.46 15.36 4.21
C THR A 411 -6.53 16.38 4.53
N GLU A 412 -6.64 17.38 3.67
CA GLU A 412 -7.58 18.44 3.93
C GLU A 412 -9.01 17.95 3.79
N ALA A 413 -9.26 17.06 2.81
CA ALA A 413 -10.59 16.48 2.65
C ALA A 413 -11.00 15.71 3.90
N ILE A 414 -10.06 14.95 4.49
CA ILE A 414 -10.37 14.22 5.71
C ILE A 414 -10.61 15.18 6.87
N THR A 415 -9.80 16.24 6.97
CA THR A 415 -9.94 17.17 8.07
C THR A 415 -11.27 17.92 8.01
N SER A 416 -11.64 18.42 6.84
CA SER A 416 -12.87 19.20 6.74
C SER A 416 -14.11 18.34 6.95
N PHE A 417 -14.09 17.10 6.44
CA PHE A 417 -15.21 16.20 6.68
C PHE A 417 -15.33 15.91 8.18
N ARG A 418 -14.20 15.66 8.84
CA ARG A 418 -14.24 15.39 10.28
C ARG A 418 -14.69 16.61 11.09
N SER A 419 -14.43 17.82 10.58
CA SER A 419 -14.94 19.01 11.25
C SER A 419 -16.46 19.06 11.20
N VAL A 420 -17.04 18.81 10.02
CA VAL A 420 -18.48 18.75 9.90
C VAL A 420 -19.05 17.67 10.80
N LEU A 421 -18.42 16.50 10.82
CA LEU A 421 -18.88 15.39 11.65
C LEU A 421 -18.82 15.75 13.13
N ALA A 422 -17.74 16.39 13.56
CA ALA A 422 -17.55 16.68 14.98
C ALA A 422 -18.63 17.61 15.50
N GLU A 423 -19.01 18.61 14.70
CA GLU A 423 -20.04 19.53 15.16
C GLU A 423 -21.38 18.83 15.36
N LEU A 424 -21.57 17.68 14.70
CA LEU A 424 -22.77 16.86 14.86
C LEU A 424 -22.62 15.80 15.95
N GLY A 425 -21.47 15.71 16.59
CA GLY A 425 -21.23 14.64 17.54
C GLY A 425 -20.88 13.33 16.91
N LEU A 426 -20.45 13.34 15.65
CA LEU A 426 -20.12 12.14 14.90
C LEU A 426 -18.62 12.07 14.64
N GLU A 427 -18.14 10.86 14.39
CA GLU A 427 -16.73 10.62 14.15
C GLU A 427 -16.55 9.66 12.98
N LEU A 428 -15.47 9.88 12.23
CA LEU A 428 -15.07 8.99 11.15
C LEU A 428 -13.98 8.06 11.65
N PRO A 429 -14.21 6.75 11.71
CA PRO A 429 -13.19 5.85 12.25
C PRO A 429 -11.97 5.78 11.36
N GLY A 430 -10.92 5.12 11.87
CA GLY A 430 -9.78 4.75 11.07
C GLY A 430 -8.49 5.52 11.29
N GLY A 431 -8.44 6.41 12.27
CA GLY A 431 -7.19 7.11 12.49
C GLY A 431 -6.94 8.20 11.46
N ASN A 432 -5.66 8.51 11.26
CA ASN A 432 -5.28 9.65 10.44
C ASN A 432 -5.58 9.42 8.96
N LYS A 433 -5.51 8.18 8.49
CA LYS A 433 -5.78 7.84 7.10
C LYS A 433 -6.85 6.77 7.05
N PRO A 434 -8.12 7.15 7.12
CA PRO A 434 -9.21 6.16 7.07
C PRO A 434 -9.26 5.44 5.73
N GLU A 435 -9.64 4.18 5.79
CA GLU A 435 -9.76 3.31 4.63
C GLU A 435 -11.21 3.28 4.15
N PRO A 436 -11.47 2.71 2.96
CA PRO A 436 -12.86 2.67 2.47
C PRO A 436 -13.85 2.08 3.47
N ARG A 437 -13.47 1.01 4.18
CA ARG A 437 -14.33 0.43 5.20
C ARG A 437 -14.74 1.45 6.25
N ASP A 438 -13.85 2.40 6.58
CA ASP A 438 -14.17 3.37 7.61
C ASP A 438 -15.24 4.35 7.12
N TYR A 439 -15.12 4.81 5.88
CA TYR A 439 -16.18 5.64 5.30
C TYR A 439 -17.47 4.85 5.18
N ALA A 440 -17.38 3.58 4.79
CA ALA A 440 -18.58 2.75 4.65
C ALA A 440 -19.27 2.54 6.00
N GLU A 441 -18.49 2.31 7.06
CA GLU A 441 -19.07 2.16 8.39
C GLU A 441 -19.77 3.44 8.82
N LEU A 442 -19.18 4.59 8.52
CA LEU A 442 -19.81 5.86 8.87
C LEU A 442 -21.13 6.04 8.11
N LEU A 443 -21.12 5.78 6.80
CA LEU A 443 -22.33 5.90 6.01
C LEU A 443 -23.45 5.03 6.57
N GLU A 444 -23.12 3.80 6.97
CA GLU A 444 -24.13 2.93 7.56
C GLU A 444 -24.63 3.49 8.89
N SER A 445 -23.74 4.11 9.66
CA SER A 445 -24.13 4.66 10.97
C SER A 445 -25.12 5.80 10.83
N VAL A 446 -25.03 6.59 9.76
CA VAL A 446 -25.83 7.80 9.61
C VAL A 446 -27.03 7.61 8.71
N ALA A 447 -27.28 6.38 8.22
CA ALA A 447 -28.26 6.17 7.16
C ALA A 447 -29.67 6.62 7.55
N ASP A 448 -30.01 6.55 8.83
CA ASP A 448 -31.35 6.90 9.29
C ASP A 448 -31.45 8.34 9.81
N ARG A 449 -30.37 9.11 9.74
CA ARG A 449 -30.41 10.51 10.17
C ARG A 449 -31.13 11.36 9.13
N PRO A 450 -31.78 12.45 9.56
CA PRO A 450 -32.41 13.35 8.58
C PRO A 450 -31.40 14.03 7.67
N ASP A 451 -30.16 14.23 8.13
CA ASP A 451 -29.11 14.83 7.31
C ASP A 451 -28.24 13.76 6.63
N ALA A 452 -28.73 12.54 6.51
CA ALA A 452 -27.96 11.46 5.90
C ALA A 452 -27.52 11.84 4.49
N GLU A 453 -28.43 12.40 3.69
CA GLU A 453 -28.10 12.71 2.31
C GLU A 453 -27.11 13.88 2.22
N MET A 454 -27.19 14.83 3.14
CA MET A 454 -26.17 15.88 3.20
C MET A 454 -24.80 15.29 3.47
N LEU A 455 -24.71 14.39 4.46
CA LEU A 455 -23.43 13.78 4.79
C LEU A 455 -22.91 12.91 3.65
N GLN A 456 -23.81 12.18 2.98
CA GLN A 456 -23.41 11.40 1.82
C GLN A 456 -22.82 12.29 0.74
N THR A 457 -23.44 13.46 0.52
CA THR A 457 -22.97 14.36 -0.53
C THR A 457 -21.60 14.92 -0.19
N MET A 458 -21.40 15.36 1.05
CA MET A 458 -20.09 15.88 1.44
C MET A 458 -19.02 14.80 1.36
N LEU A 459 -19.34 13.59 1.78
CA LEU A 459 -18.40 12.48 1.66
C LEU A 459 -18.00 12.27 0.21
N LEU A 460 -19.00 12.21 -0.69
CA LEU A 460 -18.73 11.95 -2.10
C LEU A 460 -17.90 13.08 -2.71
N ARG A 461 -18.21 14.32 -2.36
CA ARG A 461 -17.47 15.45 -2.91
C ARG A 461 -16.09 15.61 -2.29
N SER A 462 -15.79 14.91 -1.19
CA SER A 462 -14.45 14.93 -0.62
C SER A 462 -13.53 13.90 -1.27
N MET A 463 -14.07 13.02 -2.11
CA MET A 463 -13.27 12.00 -2.77
C MET A 463 -12.51 12.59 -3.96
N LYS A 464 -11.43 11.91 -4.33
CA LYS A 464 -10.67 12.30 -5.51
C LYS A 464 -11.44 11.91 -6.77
N GLN A 465 -10.90 12.33 -7.92
CA GLN A 465 -11.41 11.94 -9.22
C GLN A 465 -10.61 10.74 -9.73
N ALA A 466 -11.30 9.73 -10.25
CA ALA A 466 -10.62 8.56 -10.80
C ALA A 466 -9.96 8.92 -12.12
N ILE A 467 -8.79 8.33 -12.38
CA ILE A 467 -8.00 8.63 -13.56
C ILE A 467 -7.39 7.35 -14.11
N TYR A 468 -6.84 7.46 -15.32
CA TYR A 468 -6.05 6.39 -15.92
C TYR A 468 -4.57 6.69 -15.70
N ASP A 469 -3.84 5.70 -15.19
CA ASP A 469 -2.45 5.93 -14.83
C ASP A 469 -1.70 4.62 -14.86
N PRO A 470 -0.48 4.58 -15.40
CA PRO A 470 0.28 3.32 -15.41
C PRO A 470 0.81 2.90 -14.05
N GLU A 471 0.71 3.74 -13.02
CA GLU A 471 1.08 3.36 -11.66
C GLU A 471 -0.18 2.95 -10.90
N ASN A 472 -0.24 1.70 -10.47
CA ASN A 472 -1.43 1.17 -9.79
C ASN A 472 -1.42 1.62 -8.34
N ARG A 473 -2.16 2.68 -8.04
CA ARG A 473 -2.34 3.13 -6.66
C ARG A 473 -3.66 2.64 -6.07
N GLY A 474 -4.32 1.69 -6.72
CA GLY A 474 -5.54 1.13 -6.20
C GLY A 474 -6.75 2.00 -6.51
N HIS A 475 -7.92 1.49 -6.12
CA HIS A 475 -9.19 2.17 -6.33
C HIS A 475 -9.90 2.29 -4.99
N PHE A 476 -9.94 3.51 -4.45
CA PHE A 476 -10.48 3.74 -3.12
C PHE A 476 -11.99 3.50 -3.08
N GLY A 477 -12.72 4.08 -4.05
CA GLY A 477 -14.17 4.00 -4.01
C GLY A 477 -14.71 2.59 -4.15
N LEU A 478 -14.05 1.77 -4.94
CA LEU A 478 -14.42 0.36 -5.07
C LEU A 478 -13.72 -0.53 -4.06
N ALA A 479 -12.80 0.03 -3.27
CA ALA A 479 -12.02 -0.72 -2.28
C ALA A 479 -11.31 -1.91 -2.94
N LEU A 480 -10.57 -1.62 -4.00
CA LEU A 480 -9.87 -2.63 -4.78
C LEU A 480 -8.38 -2.32 -4.82
N GLN A 481 -7.56 -3.36 -4.69
CA GLN A 481 -6.12 -3.17 -4.81
C GLN A 481 -5.68 -2.96 -6.26
N SER A 482 -6.33 -3.63 -7.22
CA SER A 482 -5.95 -3.52 -8.63
C SER A 482 -7.19 -3.56 -9.50
N TYR A 483 -7.30 -2.58 -10.39
CA TYR A 483 -8.51 -2.36 -11.17
C TYR A 483 -8.11 -1.70 -12.49
N ALA A 484 -8.79 -2.08 -13.57
CA ALA A 484 -8.50 -1.51 -14.88
C ALA A 484 -9.71 -1.72 -15.76
N HIS A 485 -9.92 -0.78 -16.70
CA HIS A 485 -11.10 -0.79 -17.55
C HIS A 485 -10.87 -1.70 -18.74
N PHE A 486 -11.58 -2.83 -18.77
CA PHE A 486 -11.41 -3.86 -19.77
C PHE A 486 -12.65 -4.08 -20.64
N THR A 487 -13.84 -3.78 -20.14
CA THR A 487 -15.08 -4.31 -20.71
C THR A 487 -15.76 -3.44 -21.76
N SER A 488 -15.23 -2.26 -22.09
CA SER A 488 -15.87 -1.37 -23.05
C SER A 488 -14.88 -0.76 -24.04
N PRO A 489 -14.17 -1.60 -24.80
CA PRO A 489 -13.20 -1.07 -25.79
C PRO A 489 -13.85 -0.38 -26.97
N ILE A 490 -15.17 -0.50 -27.15
CA ILE A 490 -15.81 0.21 -28.25
C ILE A 490 -15.94 1.70 -27.95
N ARG A 491 -15.96 2.09 -26.68
CA ARG A 491 -16.22 3.47 -26.31
C ARG A 491 -15.16 4.07 -25.38
N ARG A 492 -14.11 3.33 -25.05
CA ARG A 492 -13.04 3.87 -24.22
C ARG A 492 -11.70 3.37 -24.78
N TYR A 493 -10.80 4.31 -25.07
CA TYR A 493 -9.52 3.94 -25.65
C TYR A 493 -8.65 3.14 -24.68
N PRO A 494 -8.63 3.45 -23.37
CA PRO A 494 -7.85 2.60 -22.46
C PRO A 494 -8.19 1.12 -22.55
N ASP A 495 -9.48 0.77 -22.56
CA ASP A 495 -9.88 -0.62 -22.73
C ASP A 495 -9.26 -1.24 -23.97
N LEU A 496 -9.23 -0.47 -25.07
CA LEU A 496 -8.65 -0.95 -26.32
C LEU A 496 -7.18 -1.30 -26.13
N THR A 497 -6.42 -0.43 -25.48
CA THR A 497 -5.00 -0.71 -25.24
C THR A 497 -4.84 -1.90 -24.29
N LEU A 498 -5.79 -2.10 -23.38
CA LEU A 498 -5.69 -3.22 -22.46
C LEU A 498 -5.88 -4.55 -23.18
N HIS A 499 -6.81 -4.61 -24.12
CA HIS A 499 -6.97 -5.82 -24.94
C HIS A 499 -5.69 -6.14 -25.69
N ARG A 500 -5.04 -5.11 -26.25
CA ARG A 500 -3.79 -5.33 -26.97
C ARG A 500 -2.72 -5.92 -26.06
N ALA A 501 -2.60 -5.40 -24.84
CA ALA A 501 -1.62 -5.93 -23.90
C ALA A 501 -1.92 -7.39 -23.55
N ILE A 502 -3.20 -7.70 -23.29
CA ILE A 502 -3.57 -9.06 -22.91
C ILE A 502 -3.31 -10.03 -24.07
N LYS A 503 -3.61 -9.62 -25.30
CA LYS A 503 -3.30 -10.47 -26.45
C LYS A 503 -1.80 -10.71 -26.58
N TYR A 504 -1.01 -9.65 -26.38
CA TYR A 504 0.45 -9.78 -26.45
C TYR A 504 0.95 -10.75 -25.39
N LEU A 505 0.43 -10.66 -24.17
CA LEU A 505 0.89 -11.55 -23.11
C LEU A 505 0.45 -12.99 -23.36
N LEU A 506 -0.75 -13.19 -23.90
CA LEU A 506 -1.20 -14.54 -24.19
C LEU A 506 -0.35 -15.20 -25.26
N ALA A 507 0.02 -14.44 -26.29
CA ALA A 507 0.91 -14.99 -27.32
C ALA A 507 2.30 -15.25 -26.76
N LYS A 508 2.76 -14.39 -25.85
CA LYS A 508 4.07 -14.59 -25.22
C LYS A 508 4.09 -15.88 -24.40
N GLU A 509 2.98 -16.21 -23.75
CA GLU A 509 2.88 -17.49 -23.05
C GLU A 509 3.09 -18.66 -24.01
N GLN A 510 2.71 -18.49 -25.27
CA GLN A 510 2.87 -19.53 -26.29
C GLN A 510 4.15 -19.35 -27.09
N GLY A 511 5.15 -18.66 -26.55
CA GLY A 511 6.43 -18.54 -27.22
C GLY A 511 6.46 -17.64 -28.43
N HIS A 512 5.48 -16.75 -28.58
CA HIS A 512 5.51 -15.79 -29.66
C HIS A 512 6.68 -14.84 -29.48
N GLN A 513 7.30 -14.46 -30.60
CA GLN A 513 8.39 -13.49 -30.61
C GLN A 513 7.92 -12.23 -31.32
N GLY A 514 8.26 -11.08 -30.76
CA GLY A 514 7.90 -9.81 -31.36
C GLY A 514 6.89 -9.05 -30.50
N ASN A 515 6.73 -7.76 -30.84
CA ASN A 515 5.89 -6.87 -30.06
C ASN A 515 4.45 -6.80 -30.55
N THR A 516 4.15 -7.34 -31.73
CA THR A 516 2.80 -7.33 -32.26
C THR A 516 2.30 -8.76 -32.42
N THR A 517 0.98 -8.89 -32.60
CA THR A 517 0.32 -10.18 -32.67
C THR A 517 -0.59 -10.21 -33.90
N GLU A 518 -0.67 -11.37 -34.55
CA GLU A 518 -1.48 -11.53 -35.75
C GLU A 518 -2.94 -11.13 -35.55
N THR A 519 -3.45 -11.21 -34.32
CA THR A 519 -4.83 -10.87 -34.05
C THR A 519 -4.99 -9.53 -33.35
N GLY A 520 -3.94 -8.70 -33.35
CA GLY A 520 -4.05 -7.33 -32.87
C GLY A 520 -3.36 -7.05 -31.54
N GLY A 521 -2.64 -8.00 -30.96
CA GLY A 521 -1.92 -7.73 -29.74
C GLY A 521 -0.77 -6.76 -29.97
N TYR A 522 -0.43 -6.02 -28.91
CA TYR A 522 0.60 -4.99 -29.04
C TYR A 522 1.20 -4.71 -27.67
N HIS A 523 2.52 -4.65 -27.62
CA HIS A 523 3.27 -4.35 -26.40
C HIS A 523 3.65 -2.87 -26.39
N TYR A 524 3.12 -2.13 -25.43
CA TYR A 524 3.43 -0.71 -25.29
C TYR A 524 4.60 -0.49 -24.33
N SER A 525 5.29 0.62 -24.52
CA SER A 525 6.35 1.03 -23.61
C SER A 525 5.75 1.84 -22.46
N MET A 526 6.52 1.93 -21.37
CA MET A 526 6.07 2.73 -20.24
C MET A 526 5.97 4.21 -20.60
N GLU A 527 6.84 4.68 -21.50
CA GLU A 527 6.76 6.08 -21.93
C GLU A 527 5.45 6.34 -22.68
N GLU A 528 5.07 5.44 -23.59
CA GLU A 528 3.80 5.57 -24.28
C GLU A 528 2.64 5.57 -23.29
N MET A 529 2.69 4.68 -22.30
CA MET A 529 1.58 4.56 -21.36
C MET A 529 1.45 5.78 -20.46
N LEU A 530 2.56 6.44 -20.15
CA LEU A 530 2.48 7.68 -19.38
C LEU A 530 1.73 8.75 -20.15
N GLN A 531 2.07 8.92 -21.43
CA GLN A 531 1.37 9.91 -22.25
C GLN A 531 -0.08 9.50 -22.49
N LEU A 532 -0.31 8.21 -22.73
CA LEU A 532 -1.67 7.71 -22.93
C LEU A 532 -2.54 7.95 -21.71
N GLY A 533 -1.99 7.73 -20.51
CA GLY A 533 -2.75 7.96 -19.30
C GLY A 533 -3.16 9.42 -19.14
N GLN A 534 -2.25 10.33 -19.43
CA GLN A 534 -2.59 11.75 -19.37
C GLN A 534 -3.62 12.10 -20.42
N HIS A 535 -3.43 11.61 -21.64
CA HIS A 535 -4.35 11.93 -22.73
C HIS A 535 -5.74 11.37 -22.47
N CYS A 536 -5.82 10.10 -22.06
CA CYS A 536 -7.12 9.46 -21.92
C CYS A 536 -7.89 9.99 -20.72
N SER A 537 -7.19 10.39 -19.65
CA SER A 537 -7.87 11.03 -18.53
C SER A 537 -8.37 12.42 -18.94
N MET A 538 -7.59 13.14 -19.74
CA MET A 538 -8.02 14.44 -20.24
C MET A 538 -9.29 14.31 -21.07
N ALA A 539 -9.30 13.34 -21.99
CA ALA A 539 -10.46 13.16 -22.86
C ALA A 539 -11.72 12.85 -22.07
N GLU A 540 -11.58 12.10 -20.98
CA GLU A 540 -12.73 11.77 -20.14
C GLU A 540 -13.31 13.03 -19.49
N ARG A 541 -12.45 13.87 -18.93
CA ARG A 541 -12.93 15.11 -18.32
C ARG A 541 -13.46 16.08 -19.36
N ARG A 542 -12.78 16.16 -20.51
CA ARG A 542 -13.22 17.03 -21.59
C ARG A 542 -14.63 16.65 -22.06
N ALA A 543 -14.89 15.35 -22.17
CA ALA A 543 -16.23 14.90 -22.55
C ALA A 543 -17.26 15.31 -21.50
N ASP A 544 -16.94 15.16 -20.22
CA ASP A 544 -17.89 15.49 -19.17
C ASP A 544 -18.20 16.98 -19.15
N GLU A 545 -17.20 17.82 -19.37
CA GLU A 545 -17.42 19.26 -19.36
C GLU A 545 -18.30 19.69 -20.53
N ALA A 546 -18.07 19.12 -21.72
CA ALA A 546 -18.84 19.51 -22.88
C ALA A 546 -20.29 19.03 -22.78
N THR A 547 -20.51 17.81 -22.30
CA THR A 547 -21.88 17.31 -22.19
C THR A 547 -22.66 18.08 -21.13
N ARG A 548 -22.00 18.51 -20.06
CA ARG A 548 -22.70 19.30 -19.07
C ARG A 548 -23.10 20.66 -19.61
N ASP A 549 -22.26 21.25 -20.47
CA ASP A 549 -22.64 22.48 -21.16
C ASP A 549 -23.98 22.33 -21.87
N VAL A 550 -24.14 21.24 -22.61
CA VAL A 550 -25.36 21.04 -23.39
C VAL A 550 -26.52 20.70 -22.47
N ALA A 551 -26.28 19.88 -21.44
CA ALA A 551 -27.33 19.60 -20.47
C ALA A 551 -27.80 20.88 -19.79
N ASP A 552 -26.86 21.77 -19.45
CA ASP A 552 -27.22 23.05 -18.86
C ASP A 552 -28.15 23.86 -19.77
N TRP A 553 -27.79 23.95 -21.05
CA TRP A 553 -28.64 24.67 -21.99
C TRP A 553 -30.03 24.06 -22.07
N LEU A 554 -30.10 22.73 -22.13
CA LEU A 554 -31.40 22.05 -22.21
C LEU A 554 -32.24 22.30 -20.97
N LYS A 555 -31.62 22.28 -19.78
CA LYS A 555 -32.36 22.52 -18.55
C LYS A 555 -32.87 23.95 -18.47
N CYS A 556 -32.05 24.92 -18.89
CA CYS A 556 -32.51 26.30 -18.91
C CYS A 556 -33.68 26.46 -19.87
N ASP A 557 -33.55 25.90 -21.08
CA ASP A 557 -34.64 25.93 -22.05
C ASP A 557 -35.90 25.32 -21.46
N PHE A 558 -35.75 24.22 -20.71
CA PHE A 558 -36.91 23.57 -20.11
C PHE A 558 -37.61 24.45 -19.09
N MET A 559 -36.86 25.30 -18.37
CA MET A 559 -37.41 26.16 -17.34
C MET A 559 -37.93 27.48 -17.86
N LEU A 560 -37.79 27.73 -19.17
CA LEU A 560 -38.23 28.99 -19.75
C LEU A 560 -39.70 29.24 -19.48
N ASP A 561 -40.54 28.21 -19.62
CA ASP A 561 -41.97 28.34 -19.42
C ASP A 561 -42.40 28.04 -17.99
N GLN A 562 -41.45 27.96 -17.06
CA GLN A 562 -41.73 27.74 -15.65
C GLN A 562 -41.49 28.98 -14.80
N VAL A 563 -41.11 30.10 -15.43
CA VAL A 563 -40.87 31.33 -14.68
C VAL A 563 -42.15 31.73 -13.97
N GLY A 564 -42.02 32.05 -12.68
CA GLY A 564 -43.16 32.38 -11.85
C GLY A 564 -43.74 31.21 -11.08
N ASN A 565 -43.37 29.98 -11.43
CA ASN A 565 -43.87 28.80 -10.72
C ASN A 565 -42.98 28.48 -9.52
N VAL A 566 -43.51 27.65 -8.62
CA VAL A 566 -42.88 27.37 -7.34
C VAL A 566 -42.59 25.88 -7.24
N PHE A 567 -41.45 25.55 -6.64
CA PHE A 567 -40.96 24.17 -6.58
C PHE A 567 -40.34 23.89 -5.23
N LYS A 568 -40.45 22.64 -4.79
CA LYS A 568 -39.65 22.13 -3.69
C LYS A 568 -38.24 21.84 -4.19
N GLY A 569 -37.25 22.07 -3.34
CA GLY A 569 -35.87 21.83 -3.73
C GLY A 569 -35.01 21.51 -2.53
N VAL A 570 -33.73 21.29 -2.82
CA VAL A 570 -32.71 21.01 -1.80
C VAL A 570 -31.49 21.85 -2.12
N ILE A 571 -30.93 22.50 -1.10
CA ILE A 571 -29.70 23.26 -1.31
C ILE A 571 -28.60 22.30 -1.74
N SER A 572 -28.04 22.55 -2.92
CA SER A 572 -27.09 21.64 -3.55
C SER A 572 -25.66 22.14 -3.54
N SER A 573 -25.45 23.43 -3.27
CA SER A 573 -24.13 24.04 -3.28
C SER A 573 -24.25 25.40 -2.60
N VAL A 574 -23.25 25.75 -1.79
CA VAL A 574 -23.23 27.03 -1.10
C VAL A 574 -21.97 27.79 -1.49
N THR A 575 -22.12 29.08 -1.78
CA THR A 575 -21.02 29.93 -2.18
C THR A 575 -21.05 31.21 -1.35
N GLY A 576 -20.06 32.08 -1.57
CA GLY A 576 -20.04 33.36 -0.90
C GLY A 576 -21.10 34.32 -1.38
N PHE A 577 -21.68 34.08 -2.56
CA PHE A 577 -22.66 34.99 -3.13
C PHE A 577 -24.07 34.41 -3.11
N GLY A 578 -24.28 33.23 -2.55
CA GLY A 578 -25.59 32.63 -2.52
C GLY A 578 -25.48 31.12 -2.40
N PHE A 579 -26.58 30.45 -2.73
CA PHE A 579 -26.58 28.99 -2.74
C PHE A 579 -27.47 28.48 -3.86
N PHE A 580 -27.05 27.38 -4.47
CA PHE A 580 -27.82 26.75 -5.52
C PHE A 580 -28.83 25.77 -4.92
N VAL A 581 -29.98 25.68 -5.57
CA VAL A 581 -31.06 24.79 -5.15
C VAL A 581 -31.33 23.81 -6.28
N ARG A 582 -31.31 22.52 -5.98
CA ARG A 582 -31.68 21.50 -6.95
C ARG A 582 -33.16 21.17 -6.78
N LEU A 583 -33.92 21.34 -7.85
CA LEU A 583 -35.36 21.13 -7.78
C LEU A 583 -35.68 19.64 -7.70
N ASP A 584 -36.60 19.29 -6.80
CA ASP A 584 -36.97 17.90 -6.59
C ASP A 584 -37.52 17.29 -7.86
N ASP A 585 -37.05 16.08 -8.18
CA ASP A 585 -37.48 15.26 -9.31
C ASP A 585 -37.07 15.84 -10.66
N LEU A 586 -36.37 16.97 -10.71
CA LEU A 586 -36.01 17.59 -11.98
C LEU A 586 -34.52 17.68 -12.23
N PHE A 587 -33.68 17.56 -11.20
CA PHE A 587 -32.22 17.58 -11.36
C PHE A 587 -31.75 18.89 -12.01
N ILE A 588 -32.48 19.98 -11.74
CA ILE A 588 -32.18 21.29 -12.30
C ILE A 588 -31.80 22.21 -11.13
N ASP A 589 -30.67 22.89 -11.28
CA ASP A 589 -30.15 23.78 -10.25
C ASP A 589 -30.37 25.24 -10.67
N GLY A 590 -30.78 26.06 -9.70
CA GLY A 590 -30.83 27.49 -9.89
C GLY A 590 -30.28 28.19 -8.66
N LEU A 591 -29.92 29.45 -8.84
CA LEU A 591 -29.21 30.21 -7.81
C LEU A 591 -30.16 31.09 -7.03
N VAL A 592 -30.14 30.95 -5.70
CA VAL A 592 -30.70 31.94 -4.79
C VAL A 592 -29.57 32.88 -4.40
N HIS A 593 -29.57 34.09 -4.96
CA HIS A 593 -28.50 35.03 -4.70
C HIS A 593 -28.68 35.66 -3.33
N VAL A 594 -27.55 35.89 -2.65
CA VAL A 594 -27.58 36.46 -1.30
C VAL A 594 -28.28 37.81 -1.27
N SER A 595 -28.32 38.50 -2.41
CA SER A 595 -29.05 39.77 -2.48
C SER A 595 -30.56 39.58 -2.38
N SER A 596 -31.07 38.38 -2.67
CA SER A 596 -32.49 38.09 -2.58
C SER A 596 -32.94 37.69 -1.19
N LEU A 597 -32.00 37.48 -0.26
CA LEU A 597 -32.34 37.05 1.09
C LEU A 597 -32.74 38.26 1.93
N ASP A 598 -33.10 38.00 3.19
CA ASP A 598 -33.50 39.06 4.09
C ASP A 598 -32.34 40.02 4.33
N ASN A 599 -32.68 41.27 4.67
CA ASN A 599 -31.73 42.31 4.99
C ASN A 599 -30.77 41.87 6.08
N ASP A 600 -29.58 41.40 5.70
CA ASP A 600 -28.61 40.91 6.66
C ASP A 600 -27.26 40.78 5.96
N TYR A 601 -26.21 40.60 6.77
CA TYR A 601 -24.89 40.24 6.28
C TYR A 601 -24.70 38.73 6.48
N TYR A 602 -24.42 38.02 5.39
CA TYR A 602 -24.31 36.56 5.42
C TYR A 602 -22.86 36.16 5.29
N ARG A 603 -22.37 35.38 6.26
CA ARG A 603 -21.00 34.91 6.31
C ARG A 603 -20.93 33.51 5.70
N PHE A 604 -19.96 33.30 4.81
CA PHE A 604 -19.77 32.02 4.13
C PHE A 604 -18.86 31.14 4.98
N ASP A 605 -19.43 30.10 5.56
CA ASP A 605 -18.66 29.07 6.28
C ASP A 605 -18.29 27.99 5.27
N GLN A 606 -17.03 28.00 4.83
CA GLN A 606 -16.66 27.15 3.70
C GLN A 606 -16.58 25.68 4.10
N VAL A 607 -16.05 25.38 5.27
CA VAL A 607 -15.99 23.97 5.68
C VAL A 607 -17.38 23.49 6.10
N GLY A 608 -18.13 24.33 6.82
CA GLY A 608 -19.49 23.98 7.16
C GLY A 608 -20.45 23.97 5.99
N GLN A 609 -20.06 24.58 4.86
CA GLN A 609 -20.89 24.68 3.66
C GLN A 609 -22.25 25.31 3.97
N ARG A 610 -22.20 26.51 4.54
CA ARG A 610 -23.40 27.21 4.97
C ARG A 610 -23.19 28.71 4.93
N LEU A 611 -24.25 29.43 4.62
CA LEU A 611 -24.29 30.89 4.75
C LEU A 611 -25.07 31.24 6.01
N MET A 612 -24.53 32.17 6.80
CA MET A 612 -25.03 32.43 8.14
C MET A 612 -25.31 33.92 8.28
N GLY A 613 -26.59 34.25 8.53
CA GLY A 613 -26.96 35.65 8.73
C GLY A 613 -26.37 36.17 10.03
N GLU A 614 -25.64 37.29 9.94
CA GLU A 614 -24.89 37.80 11.09
C GLU A 614 -25.83 38.27 12.20
N SER A 615 -26.92 38.95 11.84
CA SER A 615 -27.82 39.52 12.83
C SER A 615 -29.20 38.88 12.86
N SER A 616 -29.62 38.22 11.78
CA SER A 616 -30.92 37.56 11.76
C SER A 616 -30.86 36.13 12.27
N GLY A 617 -29.66 35.56 12.44
CA GLY A 617 -29.51 34.18 12.84
C GLY A 617 -29.85 33.15 11.79
N GLN A 618 -30.36 33.57 10.63
CA GLN A 618 -30.76 32.63 9.59
C GLN A 618 -29.53 31.92 9.01
N THR A 619 -29.67 30.62 8.78
CA THR A 619 -28.61 29.79 8.24
C THR A 619 -29.16 29.02 7.04
N TYR A 620 -28.34 28.88 6.00
CA TYR A 620 -28.70 28.09 4.82
C TYR A 620 -27.56 27.13 4.54
N ARG A 621 -27.85 25.83 4.68
CA ARG A 621 -26.81 24.81 4.60
C ARG A 621 -27.11 23.83 3.49
N LEU A 622 -26.03 23.32 2.90
CA LEU A 622 -26.09 22.18 1.98
C LEU A 622 -27.04 21.12 2.53
N GLY A 623 -27.99 20.70 1.70
CA GLY A 623 -28.94 19.68 2.08
C GLY A 623 -30.24 20.19 2.68
N ASP A 624 -30.34 21.48 3.00
CA ASP A 624 -31.59 22.02 3.53
C ASP A 624 -32.70 21.87 2.50
N ARG A 625 -33.88 21.46 2.97
CA ARG A 625 -35.06 21.44 2.11
C ARG A 625 -35.69 22.82 2.07
N VAL A 626 -36.00 23.31 0.88
CA VAL A 626 -36.49 24.67 0.68
C VAL A 626 -37.60 24.67 -0.36
N GLU A 627 -38.25 25.83 -0.50
CA GLU A 627 -39.21 26.08 -1.57
C GLU A 627 -38.79 27.36 -2.27
N VAL A 628 -38.78 27.34 -3.60
CA VAL A 628 -38.31 28.47 -4.39
C VAL A 628 -39.31 28.81 -5.49
N ARG A 629 -39.31 30.08 -5.88
CA ARG A 629 -40.00 30.53 -7.07
C ARG A 629 -38.97 30.79 -8.16
N VAL A 630 -39.31 30.41 -9.39
CA VAL A 630 -38.42 30.63 -10.53
C VAL A 630 -38.56 32.09 -10.95
N GLU A 631 -37.50 32.87 -10.75
CA GLU A 631 -37.54 34.30 -11.05
C GLU A 631 -37.14 34.61 -12.49
N ALA A 632 -36.13 33.93 -13.02
CA ALA A 632 -35.63 34.29 -14.34
C ALA A 632 -34.77 33.16 -14.89
N VAL A 633 -34.73 33.08 -16.23
CA VAL A 633 -33.85 32.17 -16.95
C VAL A 633 -33.09 33.00 -17.98
N ASN A 634 -31.76 32.96 -17.93
CA ASN A 634 -30.91 33.67 -18.88
C ASN A 634 -30.32 32.62 -19.82
N MET A 635 -30.89 32.52 -21.03
CA MET A 635 -30.44 31.52 -21.98
C MET A 635 -29.03 31.79 -22.49
N ASP A 636 -28.61 33.06 -22.53
CA ASP A 636 -27.27 33.38 -23.00
C ASP A 636 -26.22 32.90 -22.01
N GLU A 637 -26.46 33.11 -20.72
CA GLU A 637 -25.53 32.66 -19.69
C GLU A 637 -25.81 31.24 -19.22
N ARG A 638 -26.93 30.65 -19.62
CA ARG A 638 -27.35 29.32 -19.15
C ARG A 638 -27.40 29.29 -17.63
N LYS A 639 -28.13 30.25 -17.06
CA LYS A 639 -28.22 30.43 -15.62
C LYS A 639 -29.67 30.69 -15.23
N ILE A 640 -30.07 30.10 -14.10
CA ILE A 640 -31.44 30.18 -13.61
C ILE A 640 -31.43 30.87 -12.25
N ASP A 641 -32.33 31.83 -12.06
CA ASP A 641 -32.43 32.61 -10.83
C ASP A 641 -33.64 32.15 -10.02
N PHE A 642 -33.42 31.90 -8.73
CA PHE A 642 -34.46 31.51 -7.79
C PHE A 642 -34.60 32.56 -6.70
N SER A 643 -35.77 32.58 -6.08
CA SER A 643 -35.99 33.29 -4.83
C SER A 643 -36.64 32.33 -3.83
N LEU A 644 -36.31 32.52 -2.56
CA LEU A 644 -36.84 31.66 -1.52
C LEU A 644 -38.34 31.91 -1.33
N ILE A 645 -39.07 30.83 -1.06
CA ILE A 645 -40.54 30.81 -0.89
C ILE A 645 -41.25 31.75 -1.86
N HIS B 1 -7.13 7.42 31.13
CA HIS B 1 -5.85 7.31 30.44
C HIS B 1 -5.40 8.67 29.90
N HIS B 2 -6.34 9.58 29.69
CA HIS B 2 -6.00 10.95 29.28
C HIS B 2 -5.69 11.81 30.51
N HIS B 3 -4.47 12.31 30.60
CA HIS B 3 -3.40 11.95 29.68
C HIS B 3 -2.29 11.27 30.46
N HIS B 4 -2.39 9.95 30.56
CA HIS B 4 -1.41 9.11 31.20
C HIS B 4 -0.59 8.38 30.13
N HIS B 5 0.50 7.76 30.59
CA HIS B 5 1.29 6.89 29.74
C HIS B 5 1.63 5.63 30.52
N HIS B 6 1.40 4.48 29.92
CA HIS B 6 1.90 3.22 30.44
C HIS B 6 3.32 3.00 29.90
N GLY B 7 4.26 2.79 30.81
CA GLY B 7 5.65 2.64 30.40
C GLY B 7 6.42 1.72 31.33
N THR B 8 7.66 1.45 30.95
CA THR B 8 8.56 0.61 31.71
C THR B 8 9.72 1.45 32.21
N VAL B 9 10.05 1.30 33.49
CA VAL B 9 11.13 2.06 34.11
C VAL B 9 12.47 1.50 33.65
N ILE B 10 13.35 2.38 33.19
CA ILE B 10 14.72 2.02 32.84
C ILE B 10 15.62 2.79 33.79
N GLY B 11 16.28 2.06 34.68
CA GLY B 11 17.17 2.69 35.63
C GLY B 11 18.49 3.10 35.02
N HIS B 12 19.23 3.90 35.78
CA HIS B 12 20.58 4.30 35.42
C HIS B 12 21.46 4.15 36.63
N ARG B 13 22.73 3.78 36.38
CA ARG B 13 23.66 3.53 37.48
C ARG B 13 23.92 4.78 38.30
N ASP B 14 23.59 5.96 37.77
CA ASP B 14 23.84 7.22 38.45
C ASP B 14 22.68 7.69 39.31
N GLY B 15 21.61 6.90 39.44
CA GLY B 15 20.54 7.16 40.38
C GLY B 15 19.26 7.69 39.77
N TYR B 16 19.33 8.27 38.57
CA TYR B 16 18.12 8.73 37.90
C TYR B 16 17.62 7.62 36.97
N GLY B 17 16.60 7.91 36.18
CA GLY B 17 16.03 6.89 35.32
C GLY B 17 15.25 7.48 34.18
N PHE B 18 14.64 6.58 33.40
CA PHE B 18 13.84 6.96 32.25
C PHE B 18 12.60 6.09 32.19
N LEU B 19 11.58 6.59 31.50
CA LEU B 19 10.35 5.85 31.26
C LEU B 19 10.24 5.58 29.77
N ARG B 20 10.26 4.30 29.40
CA ARG B 20 10.13 3.90 28.00
C ARG B 20 8.66 3.70 27.67
N VAL B 21 8.14 4.50 26.75
CA VAL B 21 6.75 4.42 26.35
C VAL B 21 6.64 4.04 24.89
N ASP B 27 10.91 7.66 27.03
CA ASP B 27 11.69 8.83 26.69
C ASP B 27 11.60 9.87 27.81
N LEU B 28 10.62 9.66 28.69
CA LEU B 28 10.43 10.55 29.82
C LEU B 28 11.56 10.36 30.83
N TYR B 29 11.93 11.46 31.48
CA TYR B 29 12.98 11.43 32.48
C TYR B 29 12.40 11.20 33.86
N LEU B 30 13.13 10.45 34.69
CA LEU B 30 12.76 10.17 36.07
C LEU B 30 13.87 10.67 36.98
N SER B 31 13.54 11.58 37.89
CA SER B 31 14.53 12.20 38.76
C SER B 31 15.15 11.17 39.70
N SER B 32 16.27 11.55 40.30
CA SER B 32 16.92 10.69 41.29
C SER B 32 16.00 10.44 42.48
N GLU B 33 15.24 11.47 42.89
CA GLU B 33 14.34 11.31 44.02
C GLU B 33 13.16 10.40 43.68
N GLN B 34 12.67 10.47 42.44
CA GLN B 34 11.61 9.58 42.00
C GLN B 34 12.08 8.13 41.96
N MET B 35 13.33 7.92 41.55
CA MET B 35 13.88 6.57 41.48
C MET B 35 14.20 5.97 42.85
N LYS B 36 13.91 6.68 43.94
CA LYS B 36 14.06 6.08 45.26
C LYS B 36 12.94 5.09 45.57
N THR B 37 11.80 5.19 44.89
CA THR B 37 10.73 4.23 45.02
C THR B 37 10.46 3.44 43.74
N CYS B 38 11.12 3.78 42.64
CA CYS B 38 10.98 3.05 41.39
C CYS B 38 12.16 2.10 41.20
N ILE B 39 11.90 0.97 40.54
CA ILE B 39 12.88 -0.07 40.32
C ILE B 39 12.97 -0.35 38.82
N HIS B 40 14.20 -0.45 38.32
CA HIS B 40 14.43 -0.82 36.93
C HIS B 40 13.64 -2.05 36.56
N GLY B 41 12.74 -1.90 35.58
CA GLY B 41 11.88 -2.98 35.14
C GLY B 41 10.43 -2.84 35.57
N ASP B 42 10.13 -1.93 36.50
CA ASP B 42 8.73 -1.68 36.87
C ASP B 42 7.92 -1.28 35.66
N GLN B 43 6.69 -1.76 35.59
CA GLN B 43 5.70 -1.28 34.65
C GLN B 43 4.76 -0.33 35.40
N VAL B 44 4.58 0.89 34.87
CA VAL B 44 3.94 1.94 35.62
C VAL B 44 2.97 2.72 34.74
N LEU B 45 2.08 3.46 35.40
CA LEU B 45 1.26 4.50 34.80
C LEU B 45 1.82 5.84 35.25
N ALA B 46 2.09 6.73 34.29
CA ALA B 46 2.81 7.96 34.59
C ALA B 46 2.11 9.16 33.96
N GLN B 47 2.52 10.35 34.40
CA GLN B 47 2.02 11.62 33.89
C GLN B 47 3.18 12.56 33.59
N PRO B 48 3.12 13.28 32.47
CA PRO B 48 4.22 14.19 32.13
C PRO B 48 4.17 15.47 32.95
N LEU B 49 5.34 16.06 33.14
CA LEU B 49 5.47 17.33 33.85
C LEU B 49 6.10 18.38 32.95
N GLY B 50 7.07 19.13 33.46
CA GLY B 50 7.80 20.10 32.68
C GLY B 50 9.04 19.50 32.05
N VAL B 51 9.80 20.36 31.37
CA VAL B 51 11.03 19.94 30.73
C VAL B 51 12.24 20.52 31.46
N ARG B 57 11.63 16.07 29.02
CA ARG B 57 10.29 16.02 29.59
C ARG B 57 10.24 15.06 30.78
N GLU B 58 10.07 15.63 31.98
CA GLU B 58 10.02 14.84 33.19
C GLU B 58 8.65 14.20 33.37
N ALA B 59 8.60 13.11 34.14
CA ALA B 59 7.37 12.38 34.37
C ALA B 59 7.23 12.04 35.83
N ARG B 60 5.99 12.05 36.32
CA ARG B 60 5.63 11.65 37.67
C ARG B 60 4.88 10.32 37.60
N ILE B 61 5.18 9.43 38.54
CA ILE B 61 4.59 8.10 38.56
C ILE B 61 3.23 8.16 39.24
N VAL B 62 2.19 7.66 38.56
CA VAL B 62 0.87 7.58 39.17
C VAL B 62 0.75 6.33 40.03
N ARG B 63 1.02 5.16 39.43
CA ARG B 63 0.96 3.91 40.18
C ARG B 63 1.82 2.88 39.46
N VAL B 64 2.17 1.83 40.20
CA VAL B 64 2.96 0.72 39.67
C VAL B 64 1.97 -0.37 39.25
N LEU B 65 1.91 -0.65 37.95
CA LEU B 65 0.98 -1.65 37.45
C LEU B 65 1.52 -3.07 37.66
N VAL B 66 2.77 -3.30 37.25
CA VAL B 66 3.42 -4.59 37.47
C VAL B 66 4.78 -4.33 38.11
N PRO B 67 4.94 -4.54 39.42
CA PRO B 67 6.22 -4.25 40.06
C PRO B 67 7.30 -5.24 39.67
N LYS B 68 8.55 -4.79 39.77
CA LYS B 68 9.71 -5.64 39.57
C LYS B 68 10.06 -6.31 40.89
N THR B 69 9.77 -7.60 41.00
CA THR B 69 10.11 -8.39 42.17
C THR B 69 10.92 -9.64 41.85
N SER B 70 11.01 -10.02 40.59
CA SER B 70 11.54 -11.32 40.20
C SER B 70 13.04 -11.39 40.46
N GLN B 71 13.66 -12.47 39.97
CA GLN B 71 15.02 -12.84 40.35
C GLN B 71 16.02 -11.74 40.02
N ILE B 72 16.68 -11.23 41.06
CA ILE B 72 17.72 -10.22 40.94
C ILE B 72 19.05 -10.92 41.17
N VAL B 73 19.93 -10.83 40.19
CA VAL B 73 21.27 -11.42 40.29
C VAL B 73 22.22 -10.39 40.85
N GLY B 74 23.05 -10.80 41.81
CA GLY B 74 24.04 -9.91 42.37
C GLY B 74 25.12 -10.70 43.08
N ARG B 75 26.00 -9.96 43.76
CA ARG B 75 27.07 -10.55 44.56
C ARG B 75 26.86 -10.21 46.03
N TYR B 76 27.18 -11.17 46.90
CA TYR B 76 26.91 -11.05 48.32
C TYR B 76 28.12 -10.50 49.06
N PHE B 77 27.87 -9.57 49.98
CA PHE B 77 28.89 -9.02 50.87
C PHE B 77 28.26 -8.82 52.24
N THR B 78 29.08 -8.40 53.20
CA THR B 78 28.59 -8.06 54.53
C THR B 78 29.15 -6.70 54.95
N GLU B 79 28.34 -5.97 55.70
CA GLU B 79 28.75 -4.71 56.31
C GLU B 79 28.30 -4.71 57.77
N ALA B 80 29.25 -4.70 58.69
CA ALA B 80 28.98 -4.78 60.12
C ALA B 80 28.19 -6.05 60.47
N GLY B 81 28.55 -7.15 59.81
CA GLY B 81 27.84 -8.40 59.99
C GLY B 81 26.51 -8.49 59.28
N VAL B 82 26.07 -7.41 58.64
CA VAL B 82 24.82 -7.38 57.88
C VAL B 82 25.12 -7.80 56.45
N GLY B 83 24.43 -8.85 55.98
CA GLY B 83 24.59 -9.26 54.60
C GLY B 83 23.82 -8.37 53.65
N PHE B 84 24.38 -8.19 52.45
CA PHE B 84 23.68 -7.45 51.41
C PHE B 84 24.17 -7.89 50.05
N VAL B 85 23.39 -7.58 49.03
CA VAL B 85 23.67 -7.99 47.66
C VAL B 85 23.77 -6.75 46.79
N VAL B 86 24.84 -6.65 46.02
CA VAL B 86 24.99 -5.59 45.02
C VAL B 86 24.49 -6.15 43.69
N PRO B 87 23.40 -5.63 43.13
CA PRO B 87 22.92 -6.13 41.84
C PRO B 87 24.00 -6.13 40.77
N ASP B 88 23.99 -7.16 39.94
CA ASP B 88 24.94 -7.23 38.82
C ASP B 88 24.63 -6.16 37.78
N ASP B 89 23.35 -5.94 37.50
CA ASP B 89 22.91 -4.89 36.58
C ASP B 89 22.88 -3.58 37.35
N SER B 90 23.84 -2.69 37.06
CA SER B 90 23.97 -1.45 37.81
C SER B 90 22.81 -0.49 37.59
N ARG B 91 21.92 -0.77 36.65
CA ARG B 91 20.69 0.01 36.52
C ARG B 91 19.75 -0.24 37.70
N LEU B 92 19.90 -1.36 38.39
CA LEU B 92 19.28 -1.57 39.70
C LEU B 92 20.21 -0.91 40.73
N SER B 93 20.07 0.40 40.86
CA SER B 93 21.08 1.23 41.53
C SER B 93 20.80 1.34 43.03
N PHE B 94 20.76 0.18 43.69
CA PHE B 94 20.55 0.14 45.13
C PHE B 94 21.05 -1.19 45.65
N ASP B 95 21.45 -1.21 46.93
CA ASP B 95 21.81 -2.45 47.59
C ASP B 95 20.58 -3.09 48.23
N ILE B 96 20.65 -4.40 48.42
CA ILE B 96 19.55 -5.20 48.95
C ILE B 96 20.03 -5.88 50.22
N LEU B 97 19.44 -5.52 51.36
CA LEU B 97 19.80 -6.14 52.62
C LEU B 97 19.24 -7.56 52.67
N ILE B 98 20.02 -8.48 53.24
CA ILE B 98 19.61 -9.86 53.40
C ILE B 98 19.64 -10.20 54.88
N PRO B 99 18.50 -10.49 55.51
CA PRO B 99 18.53 -10.89 56.92
C PRO B 99 19.28 -12.19 57.08
N PRO B 100 19.87 -12.42 58.25
CA PRO B 100 20.83 -13.54 58.38
C PRO B 100 20.20 -14.91 58.20
N ASP B 101 18.89 -15.05 58.34
CA ASP B 101 18.23 -16.34 58.12
C ASP B 101 17.86 -16.57 56.68
N GLN B 102 18.16 -15.63 55.78
CA GLN B 102 17.85 -15.75 54.36
C GLN B 102 19.12 -15.75 53.51
N ILE B 103 20.23 -16.21 54.09
CA ILE B 103 21.52 -16.17 53.42
C ILE B 103 21.73 -17.38 52.51
N MET B 104 21.09 -18.51 52.82
CA MET B 104 21.23 -19.75 52.05
C MET B 104 22.70 -20.18 51.96
N GLY B 105 23.50 -19.81 52.96
CA GLY B 105 24.90 -20.19 52.95
C GLY B 105 25.73 -19.50 51.91
N ALA B 106 25.41 -18.26 51.55
CA ALA B 106 26.26 -17.50 50.64
C ALA B 106 27.53 -17.04 51.36
N ARG B 107 28.57 -16.81 50.57
CA ARG B 107 29.84 -16.35 51.10
C ARG B 107 30.26 -15.09 50.37
N MET B 108 31.24 -14.39 50.95
CA MET B 108 31.68 -13.10 50.44
C MET B 108 32.09 -13.18 48.97
N GLY B 109 31.48 -12.33 48.15
CA GLY B 109 31.79 -12.27 46.73
C GLY B 109 31.07 -13.25 45.86
N PHE B 110 30.29 -14.17 46.44
CA PHE B 110 29.55 -15.14 45.64
C PHE B 110 28.46 -14.47 44.83
N VAL B 111 28.25 -14.95 43.61
CA VAL B 111 27.11 -14.54 42.81
C VAL B 111 25.88 -15.29 43.32
N VAL B 112 24.80 -14.55 43.59
CA VAL B 112 23.59 -15.10 44.18
C VAL B 112 22.38 -14.54 43.44
N VAL B 113 21.22 -15.15 43.70
CA VAL B 113 19.95 -14.75 43.11
C VAL B 113 19.01 -14.38 44.25
N VAL B 114 18.34 -13.24 44.12
CA VAL B 114 17.59 -12.63 45.21
C VAL B 114 16.14 -12.47 44.81
N GLU B 115 15.24 -12.74 45.75
CA GLU B 115 13.83 -12.38 45.64
C GLU B 115 13.54 -11.27 46.64
N LEU B 116 13.05 -10.14 46.14
CA LEU B 116 12.77 -9.01 47.02
C LEU B 116 11.63 -9.33 47.98
N THR B 117 11.79 -8.88 49.22
CA THR B 117 10.70 -8.90 50.19
C THR B 117 10.24 -7.49 50.57
N GLN B 118 11.09 -6.49 50.40
CA GLN B 118 10.73 -5.09 50.61
C GLN B 118 11.34 -4.26 49.49
N ARG B 119 10.51 -3.48 48.81
CA ARG B 119 11.01 -2.56 47.83
C ARG B 119 11.76 -1.43 48.52
N PRO B 120 12.71 -0.81 47.83
CA PRO B 120 13.39 0.37 48.42
C PRO B 120 12.43 1.53 48.53
N THR B 121 12.66 2.37 49.54
CA THR B 121 11.90 3.62 49.68
C THR B 121 12.88 4.78 49.89
N ARG B 122 12.35 5.97 50.17
CA ARG B 122 13.23 7.11 50.38
C ARG B 122 14.04 6.95 51.66
N ARG B 123 13.51 6.25 52.67
CA ARG B 123 14.15 6.17 53.97
C ARG B 123 14.64 4.78 54.34
N THR B 124 14.36 3.76 53.54
CA THR B 124 14.77 2.40 53.84
C THR B 124 15.34 1.75 52.60
N LYS B 125 16.27 0.82 52.81
CA LYS B 125 16.83 0.05 51.71
C LYS B 125 15.94 -1.14 51.36
N ALA B 126 16.11 -1.61 50.13
CA ALA B 126 15.47 -2.85 49.73
C ALA B 126 15.92 -4.00 50.62
N VAL B 127 15.04 -5.00 50.79
CA VAL B 127 15.37 -6.21 51.52
C VAL B 127 14.91 -7.40 50.69
N GLY B 128 15.72 -8.45 50.69
CA GLY B 128 15.39 -9.64 49.92
C GLY B 128 15.83 -10.89 50.65
N LYS B 129 15.64 -12.02 49.98
CA LYS B 129 16.13 -13.31 50.45
C LYS B 129 16.88 -13.97 49.31
N ILE B 130 17.99 -14.62 49.65
CA ILE B 130 18.75 -15.34 48.64
C ILE B 130 18.04 -16.67 48.37
N VAL B 131 17.63 -16.87 47.13
CA VAL B 131 16.92 -18.08 46.73
C VAL B 131 17.79 -19.03 45.92
N GLU B 132 18.94 -18.58 45.43
CA GLU B 132 19.84 -19.44 44.69
C GLU B 132 21.26 -18.90 44.84
N VAL B 133 22.22 -19.81 44.99
CA VAL B 133 23.63 -19.46 45.12
C VAL B 133 24.36 -20.03 43.91
N LEU B 134 24.93 -19.15 43.11
CA LEU B 134 25.60 -19.59 41.89
C LEU B 134 27.09 -19.79 42.08
N GLY B 135 27.73 -19.02 42.96
CA GLY B 135 29.10 -19.26 43.34
C GLY B 135 30.07 -18.23 42.82
N ASP B 136 31.35 -18.61 42.83
CA ASP B 136 32.44 -17.70 42.48
C ASP B 136 33.25 -18.17 41.29
N ASN B 137 32.84 -19.24 40.62
CA ASN B 137 33.56 -19.75 39.45
C ASN B 137 33.08 -18.96 38.24
N MET B 138 33.75 -17.85 37.94
CA MET B 138 33.32 -16.94 36.88
C MET B 138 33.89 -17.41 35.54
N GLY B 139 32.99 -17.76 34.63
CA GLY B 139 33.37 -18.16 33.30
C GLY B 139 32.20 -17.97 32.36
N THR B 140 32.28 -18.60 31.19
CA THR B 140 31.21 -18.43 30.21
C THR B 140 29.90 -19.04 30.71
N GLY B 141 29.95 -20.22 31.31
CA GLY B 141 28.74 -20.81 31.85
C GLY B 141 28.07 -19.92 32.89
N MET B 142 28.88 -19.30 33.76
CA MET B 142 28.36 -18.37 34.74
C MET B 142 27.74 -17.14 34.08
N ALA B 143 28.39 -16.61 33.04
CA ALA B 143 27.84 -15.46 32.33
C ALA B 143 26.49 -15.79 31.72
N VAL B 144 26.35 -17.00 31.16
CA VAL B 144 25.06 -17.42 30.62
C VAL B 144 24.03 -17.54 31.73
N ASP B 145 24.40 -18.15 32.85
CA ASP B 145 23.47 -18.30 33.97
C ASP B 145 22.99 -16.95 34.47
N ILE B 146 23.91 -15.99 34.62
CA ILE B 146 23.53 -14.65 35.04
C ILE B 146 22.57 -14.02 34.02
N ALA B 147 22.89 -14.15 32.73
CA ALA B 147 22.07 -13.52 31.70
C ALA B 147 20.66 -14.09 31.65
N LEU B 148 20.53 -15.41 31.80
CA LEU B 148 19.21 -16.02 31.77
C LEU B 148 18.34 -15.51 32.91
N ARG B 149 18.92 -15.37 34.10
CA ARG B 149 18.16 -14.93 35.26
C ARG B 149 17.89 -13.42 35.22
N THR B 150 18.91 -12.63 34.87
CA THR B 150 18.75 -11.18 34.80
C THR B 150 17.66 -10.79 33.80
N HIS B 151 17.66 -11.42 32.63
CA HIS B 151 16.70 -11.08 31.60
C HIS B 151 15.45 -11.95 31.63
N GLU B 152 15.33 -12.83 32.63
CA GLU B 152 14.13 -13.65 32.82
C GLU B 152 13.82 -14.48 31.58
N ILE B 153 14.85 -15.07 30.99
CA ILE B 153 14.68 -15.94 29.83
C ILE B 153 14.29 -17.33 30.33
N PRO B 154 13.17 -17.89 29.87
CA PRO B 154 12.78 -19.23 30.31
C PRO B 154 13.75 -20.27 29.78
N TYR B 155 14.17 -21.19 30.65
CA TYR B 155 15.13 -22.20 30.24
C TYR B 155 14.88 -23.54 30.91
N ILE B 156 14.00 -23.58 31.91
CA ILE B 156 13.61 -24.84 32.53
C ILE B 156 12.35 -25.34 31.85
N TRP B 157 12.35 -26.60 31.46
CA TRP B 157 11.18 -27.16 30.81
C TRP B 157 10.11 -27.48 31.85
N PRO B 158 8.88 -26.99 31.68
CA PRO B 158 7.81 -27.39 32.59
C PRO B 158 7.58 -28.89 32.54
N GLN B 159 7.14 -29.44 33.66
CA GLN B 159 6.88 -30.88 33.74
C GLN B 159 5.82 -31.29 32.73
N ALA B 160 4.81 -30.45 32.53
CA ALA B 160 3.75 -30.76 31.57
C ALA B 160 4.28 -30.83 30.15
N VAL B 161 5.32 -30.04 29.84
CA VAL B 161 5.95 -30.14 28.53
C VAL B 161 6.70 -31.46 28.40
N GLU B 162 7.43 -31.85 29.44
CA GLU B 162 8.11 -33.14 29.43
C GLU B 162 7.13 -34.29 29.27
N GLN B 163 5.93 -34.15 29.86
CA GLN B 163 4.93 -35.22 29.77
C GLN B 163 4.30 -35.26 28.39
N GLN B 164 3.94 -34.08 27.86
CA GLN B 164 3.39 -34.01 26.50
C GLN B 164 4.30 -34.67 25.48
N VAL B 165 5.61 -34.54 25.65
CA VAL B 165 6.58 -34.98 24.66
C VAL B 165 6.98 -36.44 24.83
N ALA B 166 6.72 -37.03 26.00
CA ALA B 166 7.22 -38.37 26.31
C ALA B 166 6.72 -39.42 25.33
N GLY B 167 5.54 -39.22 24.74
CA GLY B 167 4.96 -40.24 23.88
C GLY B 167 5.30 -40.12 22.41
N LEU B 168 6.33 -39.33 22.08
CA LEU B 168 6.68 -39.10 20.69
C LEU B 168 7.53 -40.24 20.16
N LYS B 169 7.16 -40.75 18.98
CA LYS B 169 7.97 -41.74 18.29
C LYS B 169 9.09 -41.05 17.51
N GLU B 170 10.15 -41.82 17.23
CA GLU B 170 11.28 -41.26 16.51
C GLU B 170 11.00 -41.09 15.02
N GLU B 171 10.18 -41.94 14.43
CA GLU B 171 9.88 -41.89 13.02
C GLU B 171 8.46 -41.37 12.80
N VAL B 172 8.27 -40.67 11.68
CA VAL B 172 6.94 -40.19 11.28
C VAL B 172 6.09 -41.40 10.94
N PRO B 173 4.93 -41.55 11.56
CA PRO B 173 4.06 -42.69 11.23
C PRO B 173 3.40 -42.51 9.88
N GLU B 174 3.16 -43.64 9.19
CA GLU B 174 2.48 -43.59 7.89
C GLU B 174 1.14 -42.87 7.97
N GLU B 175 0.45 -43.00 9.11
CA GLU B 175 -0.85 -42.34 9.27
C GLU B 175 -0.73 -40.82 9.16
N ALA B 176 0.42 -40.26 9.52
CA ALA B 176 0.61 -38.82 9.39
C ALA B 176 0.87 -38.39 7.95
N LYS B 177 1.45 -39.28 7.13
CA LYS B 177 1.78 -38.93 5.75
C LYS B 177 0.57 -38.99 4.83
N ALA B 178 -0.50 -39.67 5.23
CA ALA B 178 -1.67 -39.79 4.38
C ALA B 178 -2.29 -38.43 4.12
N GLY B 179 -2.75 -38.22 2.88
CA GLY B 179 -3.41 -37.00 2.50
C GLY B 179 -2.50 -35.86 2.11
N ARG B 180 -1.18 -36.01 2.27
CA ARG B 180 -0.24 -34.93 1.99
C ARG B 180 0.35 -35.07 0.59
N VAL B 181 0.77 -33.94 0.04
CA VAL B 181 1.52 -33.95 -1.21
C VAL B 181 2.83 -34.69 -1.00
N ASP B 182 3.13 -35.64 -1.89
CA ASP B 182 4.34 -36.44 -1.79
C ASP B 182 5.46 -35.73 -2.54
N LEU B 183 6.39 -35.12 -1.81
CA LEU B 183 7.55 -34.47 -2.40
C LEU B 183 8.85 -35.23 -2.13
N ARG B 184 8.76 -36.49 -1.70
CA ARG B 184 9.94 -37.21 -1.27
C ARG B 184 10.92 -37.47 -2.41
N ASP B 185 10.45 -37.45 -3.65
CA ASP B 185 11.31 -37.61 -4.81
C ASP B 185 11.87 -36.28 -5.32
N LEU B 186 11.42 -35.16 -4.76
CA LEU B 186 11.96 -33.86 -5.14
C LEU B 186 13.31 -33.65 -4.46
N PRO B 187 14.34 -33.21 -5.20
CA PRO B 187 15.70 -33.06 -4.63
C PRO B 187 15.85 -31.86 -3.70
N LEU B 188 14.95 -31.75 -2.71
CA LEU B 188 15.09 -30.73 -1.69
C LEU B 188 16.33 -30.99 -0.84
N VAL B 189 17.01 -29.91 -0.45
CA VAL B 189 18.19 -29.99 0.39
C VAL B 189 18.11 -28.91 1.46
N THR B 190 18.82 -29.13 2.57
CA THR B 190 18.98 -28.13 3.60
C THR B 190 20.39 -27.57 3.55
N ILE B 191 20.52 -26.26 3.79
CA ILE B 191 21.81 -25.60 3.82
C ILE B 191 21.87 -24.78 5.08
N ASP B 192 22.76 -25.15 6.01
CA ASP B 192 22.83 -24.51 7.31
C ASP B 192 24.29 -24.50 7.78
N GLY B 193 24.53 -23.74 8.85
CA GLY B 193 25.85 -23.75 9.46
C GLY B 193 26.23 -25.12 9.99
N GLU B 194 27.55 -25.32 10.10
CA GLU B 194 28.06 -26.61 10.54
C GLU B 194 27.55 -27.00 11.92
N ASP B 195 27.37 -26.03 12.81
CA ASP B 195 26.99 -26.32 14.19
C ASP B 195 25.47 -26.35 14.40
N ALA B 196 24.68 -26.06 13.36
CA ALA B 196 23.23 -26.08 13.51
C ALA B 196 22.72 -27.52 13.57
N ARG B 197 21.64 -27.72 14.31
CA ARG B 197 20.97 -29.01 14.39
C ARG B 197 19.46 -28.90 14.19
N ASP B 198 18.92 -27.69 14.07
CA ASP B 198 17.48 -27.46 13.91
C ASP B 198 17.24 -26.89 12.51
N PHE B 199 16.97 -27.77 11.56
CA PHE B 199 16.86 -27.41 10.14
C PHE B 199 15.42 -27.02 9.85
N ASP B 200 15.17 -25.72 9.78
CA ASP B 200 13.82 -25.20 9.58
C ASP B 200 13.36 -25.35 8.14
N ASP B 201 14.27 -25.31 7.17
CA ASP B 201 13.89 -25.08 5.78
C ASP B 201 14.71 -25.95 4.83
N ALA B 202 14.12 -26.21 3.68
CA ALA B 202 14.76 -26.92 2.58
C ALA B 202 14.32 -26.29 1.27
N VAL B 203 15.19 -26.35 0.26
CA VAL B 203 14.97 -25.59 -0.96
C VAL B 203 15.23 -26.46 -2.19
N TYR B 204 14.48 -26.17 -3.26
CA TYR B 204 14.67 -26.76 -4.58
C TYR B 204 14.04 -25.83 -5.61
N CYS B 205 14.68 -25.69 -6.76
CA CYS B 205 14.08 -24.90 -7.82
C CYS B 205 14.40 -25.49 -9.18
N GLU B 206 13.56 -25.16 -10.15
CA GLU B 206 13.69 -25.57 -11.54
C GLU B 206 13.50 -24.36 -12.43
N LYS B 207 14.10 -24.41 -13.62
CA LYS B 207 13.75 -23.44 -14.65
C LYS B 207 12.29 -23.61 -15.04
N LYS B 208 11.60 -22.49 -15.22
CA LYS B 208 10.20 -22.51 -15.62
C LYS B 208 10.08 -22.39 -17.12
N ARG B 209 9.22 -23.21 -17.72
CA ARG B 209 9.05 -23.22 -19.16
C ARG B 209 8.54 -21.87 -19.63
N GLY B 210 9.27 -21.25 -20.56
CA GLY B 210 8.97 -19.92 -21.02
C GLY B 210 9.71 -18.81 -20.32
N GLY B 211 10.47 -19.12 -19.28
CA GLY B 211 11.24 -18.13 -18.56
C GLY B 211 10.99 -18.20 -17.06
N GLY B 212 12.01 -17.82 -16.29
CA GLY B 212 11.86 -17.77 -14.85
C GLY B 212 12.08 -19.12 -14.18
N TRP B 213 11.55 -19.22 -12.96
CA TRP B 213 11.81 -20.37 -12.11
C TRP B 213 10.54 -20.79 -11.37
N ARG B 214 10.52 -22.04 -10.95
CA ARG B 214 9.58 -22.54 -9.96
C ARG B 214 10.39 -22.94 -8.73
N LEU B 215 10.02 -22.42 -7.57
CA LEU B 215 10.78 -22.57 -6.34
C LEU B 215 9.94 -23.23 -5.27
N TRP B 216 10.46 -24.31 -4.68
CA TRP B 216 9.84 -24.96 -3.53
C TRP B 216 10.61 -24.57 -2.28
N VAL B 217 9.92 -24.00 -1.29
CA VAL B 217 10.50 -23.76 0.03
C VAL B 217 9.69 -24.61 1.00
N ALA B 218 10.33 -25.65 1.53
CA ALA B 218 9.68 -26.59 2.43
C ALA B 218 10.09 -26.27 3.86
N ILE B 219 9.10 -26.11 4.74
CA ILE B 219 9.34 -25.65 6.10
C ILE B 219 8.88 -26.73 7.08
N ALA B 220 9.63 -26.91 8.16
CA ALA B 220 9.25 -27.81 9.24
C ALA B 220 7.81 -27.56 9.66
N ASP B 221 7.02 -28.64 9.74
CA ASP B 221 5.58 -28.54 10.01
C ASP B 221 5.36 -28.50 11.53
N VAL B 222 5.82 -27.40 12.13
CA VAL B 222 5.81 -27.28 13.59
C VAL B 222 4.38 -27.22 14.12
N SER B 223 3.48 -26.55 13.42
CA SER B 223 2.10 -26.43 13.90
C SER B 223 1.39 -27.77 13.97
N TYR B 224 1.86 -28.77 13.22
CA TYR B 224 1.30 -30.10 13.34
C TYR B 224 1.64 -30.72 14.70
N TYR B 225 2.86 -30.46 15.19
CA TYR B 225 3.34 -31.02 16.46
C TYR B 225 3.01 -30.14 17.66
N VAL B 226 2.85 -28.84 17.44
CA VAL B 226 2.63 -27.89 18.52
C VAL B 226 1.27 -27.25 18.26
N ARG B 227 0.24 -27.74 18.99
CA ARG B 227 -1.15 -27.30 18.84
C ARG B 227 -1.49 -26.25 19.89
N PRO B 228 -2.44 -25.35 19.59
CA PRO B 228 -2.72 -24.24 20.50
C PRO B 228 -3.16 -24.71 21.88
N SER B 229 -2.71 -23.98 22.91
CA SER B 229 -3.07 -24.12 24.31
C SER B 229 -2.47 -25.35 24.98
N THR B 230 -1.72 -26.18 24.27
CA THR B 230 -1.03 -27.29 24.90
C THR B 230 0.17 -26.76 25.69
N PRO B 231 0.71 -27.56 26.61
CA PRO B 231 1.94 -27.14 27.31
C PRO B 231 3.07 -26.75 26.36
N LEU B 232 3.29 -27.53 25.30
CA LEU B 232 4.30 -27.16 24.30
C LEU B 232 4.05 -25.78 23.73
N ASP B 233 2.79 -25.48 23.40
CA ASP B 233 2.46 -24.16 22.84
C ASP B 233 2.65 -23.05 23.87
N ARG B 234 2.19 -23.29 25.10
CA ARG B 234 2.29 -22.24 26.13
C ARG B 234 3.76 -21.91 26.42
N GLU B 235 4.62 -22.93 26.45
CA GLU B 235 6.03 -22.66 26.71
C GLU B 235 6.71 -22.05 25.50
N ALA B 236 6.33 -22.45 24.28
CA ALA B 236 6.90 -21.83 23.09
C ALA B 236 6.55 -20.35 23.03
N ARG B 237 5.31 -19.99 23.35
CA ARG B 237 4.95 -18.58 23.41
C ARG B 237 5.70 -17.88 24.52
N ASN B 238 5.81 -18.52 25.68
CA ASN B 238 6.57 -18.00 26.82
C ASN B 238 7.98 -17.61 26.40
N ARG B 239 8.64 -18.47 25.62
CA ARG B 239 10.01 -18.20 25.20
C ARG B 239 10.05 -17.23 24.03
N GLY B 240 9.10 -17.33 23.10
CA GLY B 240 8.96 -16.39 22.01
C GLY B 240 9.94 -16.61 20.87
N THR B 241 11.10 -17.19 21.17
CA THR B 241 12.18 -17.36 20.22
C THR B 241 13.22 -18.26 20.83
N SER B 242 14.01 -18.92 19.98
CA SER B 242 15.22 -19.55 20.47
C SER B 242 16.25 -18.47 20.81
N VAL B 243 17.13 -18.80 21.75
CA VAL B 243 18.18 -17.89 22.19
C VAL B 243 19.51 -18.60 22.02
N TYR B 244 20.45 -17.92 21.35
CA TYR B 244 21.69 -18.55 20.88
C TYR B 244 22.88 -17.97 21.64
N PHE B 245 23.41 -18.75 22.57
CA PHE B 245 24.62 -18.49 23.34
C PHE B 245 25.78 -19.30 22.77
N PRO B 246 27.01 -19.04 23.21
CA PRO B 246 28.16 -19.80 22.69
C PRO B 246 28.00 -21.31 22.87
N SER B 247 28.00 -22.03 21.74
CA SER B 247 27.93 -23.49 21.72
C SER B 247 26.76 -24.01 22.55
N GLN B 248 25.71 -23.20 22.69
CA GLN B 248 24.60 -23.54 23.58
C GLN B 248 23.36 -22.78 23.11
N VAL B 249 22.31 -23.52 22.79
CA VAL B 249 21.04 -22.94 22.37
C VAL B 249 20.03 -23.14 23.50
N ILE B 250 19.33 -22.07 23.85
CA ILE B 250 18.09 -22.20 24.63
C ILE B 250 16.96 -22.27 23.61
N PRO B 251 16.48 -23.47 23.26
CA PRO B 251 15.54 -23.58 22.15
C PRO B 251 14.11 -23.25 22.58
N MET B 252 13.34 -22.73 21.62
CA MET B 252 11.93 -22.47 21.87
C MET B 252 11.15 -23.76 22.07
N LEU B 253 11.61 -24.85 21.47
CA LEU B 253 10.95 -26.15 21.54
C LEU B 253 11.93 -27.20 22.01
N PRO B 254 11.46 -28.21 22.75
CA PRO B 254 12.35 -29.29 23.20
C PRO B 254 13.07 -29.96 22.05
N GLU B 255 14.28 -30.44 22.33
CA GLU B 255 15.19 -30.91 21.28
C GLU B 255 14.60 -32.09 20.51
N VAL B 256 13.75 -32.90 21.15
CA VAL B 256 13.14 -34.03 20.46
C VAL B 256 12.32 -33.57 19.26
N LEU B 257 11.76 -32.37 19.34
CA LEU B 257 11.10 -31.76 18.18
C LEU B 257 12.07 -30.95 17.35
N SER B 258 12.79 -30.00 17.99
CA SER B 258 13.53 -29.01 17.24
C SER B 258 14.74 -29.60 16.51
N ASN B 259 15.34 -30.67 17.05
CA ASN B 259 16.41 -31.36 16.35
C ASN B 259 15.97 -32.71 15.80
N GLY B 260 14.72 -33.11 16.02
CA GLY B 260 14.26 -34.42 15.61
C GLY B 260 13.12 -34.39 14.61
N LEU B 261 11.88 -34.52 15.10
CA LEU B 261 10.73 -34.67 14.24
C LEU B 261 10.44 -33.41 13.42
N CYS B 262 10.71 -32.23 13.97
CA CYS B 262 10.47 -31.03 13.19
C CYS B 262 11.62 -30.74 12.23
N SER B 263 12.85 -30.98 12.66
CA SER B 263 14.02 -30.73 11.82
C SER B 263 13.98 -31.56 10.55
N LEU B 264 14.31 -30.94 9.42
CA LEU B 264 14.26 -31.61 8.11
C LEU B 264 15.58 -32.36 7.89
N ASN B 265 15.74 -33.43 8.66
CA ASN B 265 16.99 -34.18 8.67
C ASN B 265 17.17 -34.97 7.37
N PRO B 266 18.41 -35.28 7.01
CA PRO B 266 18.66 -35.90 5.71
C PRO B 266 18.17 -37.34 5.62
N GLN B 267 17.58 -37.67 4.46
CA GLN B 267 17.23 -39.05 4.09
C GLN B 267 16.26 -39.70 5.06
N VAL B 268 15.39 -38.91 5.69
CA VAL B 268 14.31 -39.43 6.51
C VAL B 268 13.04 -38.68 6.14
N ASP B 269 11.91 -39.39 6.13
CA ASP B 269 10.64 -38.76 5.81
C ASP B 269 10.26 -37.77 6.89
N ARG B 270 9.83 -36.59 6.47
CA ARG B 270 9.47 -35.52 7.39
C ARG B 270 8.24 -34.77 6.87
N LEU B 271 7.38 -34.40 7.81
CA LEU B 271 6.24 -33.54 7.48
C LEU B 271 6.74 -32.11 7.25
N CYS B 272 6.11 -31.44 6.28
CA CYS B 272 6.51 -30.06 6.00
C CYS B 272 5.31 -29.26 5.52
N MET B 273 5.43 -27.95 5.66
CA MET B 273 4.52 -26.98 5.08
C MET B 273 5.26 -26.26 3.97
N VAL B 274 4.74 -26.34 2.76
CA VAL B 274 5.46 -25.96 1.56
C VAL B 274 4.86 -24.68 0.99
N CYS B 275 5.73 -23.76 0.59
CA CYS B 275 5.37 -22.62 -0.24
C CYS B 275 5.99 -22.84 -1.60
N GLU B 276 5.16 -23.05 -2.62
CA GLU B 276 5.60 -23.30 -3.99
C GLU B 276 5.32 -22.06 -4.81
N MET B 277 6.36 -21.53 -5.45
CA MET B 277 6.33 -20.21 -6.04
C MET B 277 6.78 -20.25 -7.49
N THR B 278 6.29 -19.28 -8.28
CA THR B 278 6.81 -19.02 -9.60
C THR B 278 7.46 -17.64 -9.60
N VAL B 279 8.60 -17.54 -10.29
CA VAL B 279 9.40 -16.32 -10.34
C VAL B 279 9.65 -15.99 -11.80
N SER B 280 9.53 -14.71 -12.15
CA SER B 280 9.76 -14.30 -13.53
C SER B 280 11.26 -14.31 -13.83
N SER B 281 11.58 -14.19 -15.12
CA SER B 281 12.98 -14.13 -15.54
C SER B 281 13.70 -12.91 -14.97
N LYS B 282 12.96 -11.90 -14.51
CA LYS B 282 13.53 -10.73 -13.88
C LYS B 282 13.39 -10.74 -12.36
N GLY B 283 13.05 -11.89 -11.77
CA GLY B 283 13.08 -12.05 -10.33
C GLY B 283 11.83 -11.61 -9.60
N ARG B 284 10.72 -11.45 -10.30
CA ARG B 284 9.48 -11.00 -9.70
C ARG B 284 8.62 -12.19 -9.31
N LEU B 285 8.11 -12.18 -8.08
CA LEU B 285 7.18 -13.21 -7.63
C LEU B 285 5.90 -13.11 -8.44
N THR B 286 5.60 -14.16 -9.20
CA THR B 286 4.40 -14.19 -10.04
C THR B 286 3.30 -15.08 -9.53
N GLY B 287 3.57 -15.93 -8.54
CA GLY B 287 2.52 -16.81 -8.02
C GLY B 287 3.04 -17.61 -6.85
N TYR B 288 2.11 -18.05 -6.02
CA TYR B 288 2.44 -18.87 -4.87
C TYR B 288 1.25 -19.74 -4.50
N LYS B 289 1.54 -20.85 -3.84
CA LYS B 289 0.52 -21.68 -3.22
C LYS B 289 1.14 -22.37 -2.01
N PHE B 290 0.29 -22.70 -1.05
CA PHE B 290 0.72 -23.36 0.18
C PHE B 290 0.02 -24.71 0.30
N TYR B 291 0.75 -25.71 0.81
CA TYR B 291 0.15 -27.02 1.03
C TYR B 291 1.01 -27.83 1.99
N GLU B 292 0.36 -28.75 2.71
CA GLU B 292 1.07 -29.71 3.53
C GLU B 292 1.63 -30.83 2.66
N ALA B 293 2.84 -31.26 2.98
CA ALA B 293 3.51 -32.27 2.18
C ALA B 293 4.35 -33.16 3.09
N VAL B 294 4.88 -34.21 2.49
CA VAL B 294 5.89 -35.04 3.12
C VAL B 294 7.12 -35.02 2.22
N MET B 295 8.30 -34.86 2.82
CA MET B 295 9.53 -34.75 2.04
C MET B 295 10.58 -35.69 2.60
N SER B 296 11.72 -35.75 1.90
CA SER B 296 12.88 -36.49 2.37
C SER B 296 14.09 -35.75 1.84
N SER B 297 14.78 -35.01 2.71
CA SER B 297 15.92 -34.21 2.28
C SER B 297 16.97 -35.09 1.62
N HIS B 298 17.42 -34.66 0.43
CA HIS B 298 18.42 -35.40 -0.32
C HIS B 298 19.84 -35.12 0.17
N ALA B 299 20.04 -34.10 1.00
CA ALA B 299 21.36 -33.80 1.55
C ALA B 299 21.23 -32.75 2.63
N ARG B 300 21.97 -32.95 3.72
CA ARG B 300 22.23 -31.88 4.69
C ARG B 300 23.55 -31.23 4.29
N LEU B 301 23.49 -30.01 3.77
CA LEU B 301 24.66 -29.30 3.30
C LEU B 301 24.98 -28.12 4.22
N THR B 302 26.21 -27.63 4.11
CA THR B 302 26.61 -26.41 4.79
C THR B 302 26.75 -25.29 3.79
N TYR B 303 26.69 -24.05 4.30
CA TYR B 303 26.96 -22.89 3.44
C TYR B 303 28.34 -22.99 2.81
N THR B 304 29.32 -23.45 3.58
CA THR B 304 30.68 -23.57 3.07
C THR B 304 30.76 -24.56 1.93
N LYS B 305 30.13 -25.73 2.10
CA LYS B 305 30.15 -26.73 1.04
C LYS B 305 29.47 -26.21 -0.23
N VAL B 306 28.30 -25.59 -0.08
CA VAL B 306 27.57 -25.12 -1.25
C VAL B 306 28.35 -24.05 -1.98
N TRP B 307 28.96 -23.12 -1.23
CA TRP B 307 29.76 -22.08 -1.87
C TRP B 307 30.94 -22.68 -2.63
N HIS B 308 31.62 -23.65 -2.02
CA HIS B 308 32.74 -24.30 -2.70
C HIS B 308 32.28 -25.05 -3.94
N ILE B 309 31.08 -25.67 -3.87
CA ILE B 309 30.51 -26.32 -5.04
C ILE B 309 30.30 -25.30 -6.16
N LEU B 310 29.68 -24.17 -5.83
CA LEU B 310 29.42 -23.15 -6.83
C LEU B 310 30.71 -22.57 -7.39
N GLN B 311 31.80 -22.60 -6.60
CA GLN B 311 33.09 -22.12 -7.07
C GLN B 311 33.84 -23.16 -7.90
N GLY B 312 33.37 -24.40 -7.94
CA GLY B 312 33.96 -25.42 -8.77
C GLY B 312 34.80 -26.47 -8.06
N ASP B 313 34.62 -26.67 -6.75
CA ASP B 313 35.45 -27.61 -6.00
C ASP B 313 35.24 -29.03 -6.49
N GLN B 314 36.33 -29.70 -6.86
CA GLN B 314 36.21 -31.01 -7.51
C GLN B 314 35.67 -32.07 -6.56
N ASP B 315 36.24 -32.16 -5.34
CA ASP B 315 35.85 -33.22 -4.43
C ASP B 315 34.36 -33.12 -4.06
N LEU B 316 33.89 -31.91 -3.79
CA LEU B 316 32.50 -31.75 -3.38
C LEU B 316 31.54 -31.92 -4.55
N ARG B 317 31.93 -31.47 -5.74
CA ARG B 317 31.05 -31.66 -6.89
C ARG B 317 31.02 -33.11 -7.35
N GLU B 318 32.03 -33.90 -6.98
CA GLU B 318 31.95 -35.34 -7.23
C GLU B 318 31.09 -36.02 -6.17
N GLN B 319 31.30 -35.68 -4.90
CA GLN B 319 30.52 -36.27 -3.83
C GLN B 319 29.03 -36.01 -4.01
N TYR B 320 28.67 -34.78 -4.36
CA TYR B 320 27.27 -34.39 -4.48
C TYR B 320 26.87 -34.19 -5.94
N ALA B 321 27.47 -34.96 -6.84
CA ALA B 321 27.21 -34.80 -8.27
C ALA B 321 25.73 -34.80 -8.66
N PRO B 322 24.85 -35.66 -8.10
CA PRO B 322 23.42 -35.61 -8.49
C PRO B 322 22.68 -34.34 -8.09
N LEU B 323 23.28 -33.50 -7.24
CA LEU B 323 22.65 -32.26 -6.80
C LEU B 323 23.31 -31.00 -7.36
N VAL B 324 24.42 -31.12 -8.07
CA VAL B 324 25.19 -29.95 -8.50
C VAL B 324 24.33 -29.05 -9.38
N LYS B 325 23.64 -29.63 -10.38
CA LYS B 325 22.79 -28.83 -11.26
C LYS B 325 21.72 -28.08 -10.49
N HIS B 326 21.16 -28.71 -9.45
CA HIS B 326 20.10 -28.07 -8.68
C HIS B 326 20.63 -26.94 -7.81
N LEU B 327 21.84 -27.12 -7.27
CA LEU B 327 22.47 -26.04 -6.51
C LEU B 327 22.83 -24.88 -7.42
N GLU B 328 23.31 -25.17 -8.63
CA GLU B 328 23.61 -24.10 -9.58
C GLU B 328 22.36 -23.35 -10.00
N GLU B 329 21.21 -24.02 -10.05
CA GLU B 329 19.98 -23.35 -10.45
C GLU B 329 19.50 -22.40 -9.36
N LEU B 330 19.61 -22.82 -8.10
CA LEU B 330 19.31 -21.90 -6.99
C LEU B 330 20.21 -20.67 -7.06
N HIS B 331 21.47 -20.87 -7.47
CA HIS B 331 22.38 -19.73 -7.62
C HIS B 331 21.92 -18.80 -8.74
N ASN B 332 21.52 -19.37 -9.88
CA ASN B 332 21.00 -18.57 -10.98
C ASN B 332 19.78 -17.77 -10.55
N LEU B 333 18.85 -18.43 -9.86
CA LEU B 333 17.67 -17.74 -9.34
C LEU B 333 18.06 -16.63 -8.37
N TYR B 334 19.01 -16.92 -7.47
CA TYR B 334 19.44 -15.92 -6.48
C TYR B 334 19.96 -14.67 -7.17
N LYS B 335 20.82 -14.83 -8.19
CA LYS B 335 21.39 -13.68 -8.87
C LYS B 335 20.31 -12.72 -9.36
N VAL B 336 19.21 -13.26 -9.88
CA VAL B 336 18.14 -12.40 -10.34
C VAL B 336 17.31 -11.84 -9.18
N LEU B 337 17.16 -12.61 -8.10
CA LEU B 337 16.46 -12.10 -6.92
C LEU B 337 17.25 -10.97 -6.27
N ASP B 338 18.58 -11.10 -6.25
CA ASP B 338 19.43 -10.02 -5.73
C ASP B 338 19.27 -8.76 -6.57
N LYS B 339 19.23 -8.91 -7.90
CA LYS B 339 19.02 -7.75 -8.77
C LYS B 339 17.63 -7.16 -8.59
N ALA B 340 16.62 -8.02 -8.40
CA ALA B 340 15.27 -7.53 -8.14
C ALA B 340 15.21 -6.76 -6.82
N ARG B 341 15.99 -7.18 -5.82
CA ARG B 341 16.03 -6.40 -4.59
C ARG B 341 16.65 -5.03 -4.85
N GLU B 342 17.64 -4.96 -5.73
CA GLU B 342 18.27 -3.70 -6.09
C GLU B 342 17.28 -2.78 -6.79
N GLU B 343 16.66 -3.26 -7.88
CA GLU B 343 15.63 -2.50 -8.58
C GLU B 343 14.51 -2.04 -7.66
N ARG B 344 14.33 -2.72 -6.54
CA ARG B 344 13.17 -2.47 -5.67
C ARG B 344 13.39 -1.27 -4.76
N GLY B 345 14.63 -1.04 -4.32
CA GLY B 345 14.91 -0.02 -3.35
C GLY B 345 15.87 -0.47 -2.26
N GLY B 346 16.46 -1.64 -2.45
CA GLY B 346 17.59 -2.13 -1.67
C GLY B 346 17.65 -1.87 -0.18
N ILE B 347 18.70 -1.16 0.26
CA ILE B 347 19.04 -0.99 1.68
C ILE B 347 19.23 -2.35 2.35
N GLU B 352 29.28 -6.01 8.55
CA GLU B 352 30.33 -6.95 8.95
C GLU B 352 30.13 -7.36 10.41
N GLU B 353 30.42 -8.63 10.72
CA GLU B 353 30.11 -9.20 12.02
C GLU B 353 31.31 -9.98 12.55
N ALA B 354 31.37 -10.10 13.87
CA ALA B 354 32.44 -10.84 14.53
C ALA B 354 32.14 -12.33 14.51
N LYS B 355 33.21 -13.13 14.34
CA LYS B 355 33.14 -14.58 14.44
C LYS B 355 34.08 -15.00 15.56
N PHE B 356 33.50 -15.42 16.69
CA PHE B 356 34.30 -15.87 17.81
C PHE B 356 34.83 -17.27 17.55
N ILE B 357 36.14 -17.45 17.71
CA ILE B 357 36.76 -18.78 17.71
C ILE B 357 36.99 -19.15 19.16
N PHE B 358 36.27 -20.17 19.64
CA PHE B 358 36.31 -20.53 21.05
C PHE B 358 37.36 -21.62 21.29
N ASN B 359 37.92 -21.60 22.50
CA ASN B 359 38.74 -22.71 22.96
C ASN B 359 37.84 -23.73 23.65
N ALA B 360 38.45 -24.77 24.23
CA ALA B 360 37.68 -25.84 24.85
C ALA B 360 36.87 -25.35 26.05
N GLU B 361 37.24 -24.22 26.65
CA GLU B 361 36.57 -23.70 27.82
C GLU B 361 35.52 -22.64 27.47
N ARG B 362 35.11 -22.57 26.21
CA ARG B 362 34.07 -21.64 25.74
C ARG B 362 34.48 -20.18 25.90
N ARG B 363 35.79 -19.92 25.90
CA ARG B 363 36.31 -18.56 25.92
C ARG B 363 36.94 -18.25 24.57
N ILE B 364 37.10 -16.95 24.28
CA ILE B 364 37.58 -16.55 22.97
C ILE B 364 39.05 -16.91 22.84
N GLU B 365 39.38 -17.66 21.79
CA GLU B 365 40.76 -17.90 21.40
C GLU B 365 41.25 -16.81 20.45
N ARG B 366 40.46 -16.52 19.42
CA ARG B 366 40.73 -15.42 18.51
C ARG B 366 39.41 -14.92 17.97
N ILE B 367 39.44 -13.73 17.35
CA ILE B 367 38.25 -13.12 16.79
C ILE B 367 38.47 -12.95 15.28
N GLU B 368 37.49 -13.40 14.51
CA GLU B 368 37.52 -13.29 13.07
C GLU B 368 36.33 -12.48 12.58
N GLN B 369 36.39 -12.12 11.31
CA GLN B 369 35.27 -11.51 10.61
C GLN B 369 34.51 -12.60 9.86
N THR B 370 33.20 -12.68 10.10
CA THR B 370 32.39 -13.62 9.32
C THR B 370 32.50 -13.29 7.84
N GLN B 371 32.56 -14.33 7.02
CA GLN B 371 32.52 -14.16 5.57
C GLN B 371 31.14 -14.62 5.09
N ARG B 372 30.42 -13.71 4.45
CA ARG B 372 29.09 -14.00 3.94
C ARG B 372 29.20 -14.20 2.43
N ASN B 373 28.74 -15.34 1.94
CA ASN B 373 28.92 -15.72 0.55
C ASN B 373 27.57 -15.97 -0.10
N ASP B 374 27.61 -16.28 -1.40
CA ASP B 374 26.39 -16.46 -2.18
C ASP B 374 25.52 -17.60 -1.66
N ALA B 375 26.09 -18.57 -0.94
CA ALA B 375 25.27 -19.64 -0.37
C ALA B 375 24.40 -19.12 0.76
N HIS B 376 24.96 -18.27 1.63
CA HIS B 376 24.14 -17.58 2.63
C HIS B 376 23.03 -16.78 1.97
N LYS B 377 23.39 -16.03 0.92
CA LYS B 377 22.46 -15.07 0.34
C LYS B 377 21.38 -15.75 -0.49
N LEU B 378 21.67 -16.88 -1.12
CA LEU B 378 20.64 -17.55 -1.91
C LEU B 378 19.56 -18.13 -0.99
N ILE B 379 19.96 -18.64 0.18
CA ILE B 379 18.97 -19.05 1.17
C ILE B 379 18.16 -17.85 1.64
N GLU B 380 18.84 -16.73 1.92
CA GLU B 380 18.15 -15.54 2.39
C GLU B 380 17.09 -15.09 1.41
N GLU B 381 17.42 -15.03 0.11
CA GLU B 381 16.47 -14.54 -0.87
C GLU B 381 15.33 -15.54 -1.10
N CYS B 382 15.61 -16.84 -1.02
CA CYS B 382 14.55 -17.83 -1.15
C CYS B 382 13.56 -17.74 0.01
N MET B 383 14.07 -17.56 1.24
CA MET B 383 13.18 -17.41 2.39
C MET B 383 12.37 -16.13 2.30
N ILE B 384 12.96 -15.07 1.76
CA ILE B 384 12.25 -13.79 1.65
C ILE B 384 11.05 -13.94 0.71
N LEU B 385 11.22 -14.67 -0.40
CA LEU B 385 10.10 -14.90 -1.32
C LEU B 385 8.96 -15.63 -0.62
N ALA B 386 9.28 -16.68 0.15
CA ALA B 386 8.23 -17.40 0.87
C ALA B 386 7.59 -16.52 1.93
N ASN B 387 8.39 -15.67 2.57
CA ASN B 387 7.88 -14.72 3.56
C ASN B 387 6.93 -13.72 2.91
N ILE B 388 7.29 -13.20 1.74
CA ILE B 388 6.40 -12.30 0.99
C ILE B 388 5.10 -13.01 0.64
N SER B 389 5.22 -14.25 0.16
CA SER B 389 4.03 -15.00 -0.23
C SER B 389 3.09 -15.22 0.95
N ALA B 390 3.65 -15.58 2.12
CA ALA B 390 2.81 -15.81 3.29
C ALA B 390 2.12 -14.52 3.74
N ALA B 391 2.84 -13.40 3.70
CA ALA B 391 2.23 -12.12 4.10
C ALA B 391 1.10 -11.73 3.15
N ARG B 392 1.33 -11.84 1.85
CA ARG B 392 0.27 -11.50 0.89
C ARG B 392 -0.93 -12.43 1.05
N PHE B 393 -0.69 -13.68 1.43
CA PHE B 393 -1.79 -14.64 1.57
C PHE B 393 -2.71 -14.25 2.72
N VAL B 394 -2.14 -13.93 3.89
CA VAL B 394 -2.99 -13.59 5.03
C VAL B 394 -3.52 -12.16 4.91
N GLU B 395 -2.79 -11.27 4.24
CA GLU B 395 -3.26 -9.90 4.08
C GLU B 395 -4.46 -9.84 3.14
N LYS B 396 -4.39 -10.57 2.02
CA LYS B 396 -5.52 -10.62 1.09
C LYS B 396 -6.76 -11.23 1.74
N ALA B 397 -6.56 -12.19 2.64
CA ALA B 397 -7.67 -12.81 3.34
C ALA B 397 -8.17 -12.00 4.53
N LYS B 398 -7.50 -10.89 4.86
CA LYS B 398 -7.82 -10.10 6.04
C LYS B 398 -7.80 -10.96 7.30
N GLU B 399 -6.86 -11.90 7.34
CA GLU B 399 -6.74 -12.84 8.45
C GLU B 399 -5.79 -12.27 9.51
N PRO B 400 -6.22 -12.21 10.78
CA PRO B 400 -5.34 -11.65 11.82
C PRO B 400 -4.02 -12.41 11.88
N ALA B 401 -2.93 -11.67 11.69
CA ALA B 401 -1.60 -12.27 11.63
C ALA B 401 -0.56 -11.21 11.96
N LEU B 402 0.60 -11.68 12.42
CA LEU B 402 1.72 -10.80 12.70
C LEU B 402 2.48 -10.51 11.42
N PHE B 403 2.50 -9.24 11.00
CA PHE B 403 3.40 -8.82 9.93
C PHE B 403 4.75 -8.45 10.51
N ARG B 404 5.79 -8.68 9.72
CA ARG B 404 7.13 -8.23 10.08
C ARG B 404 7.31 -6.86 9.44
N ILE B 405 7.22 -5.81 10.24
CA ILE B 405 7.18 -4.46 9.72
C ILE B 405 8.44 -3.71 10.11
N HIS B 406 8.78 -2.71 9.29
CA HIS B 406 9.95 -1.87 9.50
C HIS B 406 9.54 -0.46 9.09
N ASP B 407 9.39 0.43 10.06
CA ASP B 407 8.84 1.75 9.81
C ASP B 407 9.88 2.66 9.15
N LYS B 408 9.38 3.72 8.52
CA LYS B 408 10.23 4.74 7.94
C LYS B 408 11.08 5.39 9.02
N PRO B 409 12.22 5.97 8.64
CA PRO B 409 12.99 6.76 9.60
C PRO B 409 12.16 7.92 10.13
N SER B 410 12.47 8.34 11.35
CA SER B 410 11.75 9.44 11.97
C SER B 410 12.11 10.76 11.29
N THR B 411 11.16 11.69 11.29
CA THR B 411 11.40 13.01 10.72
C THR B 411 12.66 13.64 11.30
N GLU B 412 12.85 13.51 12.62
CA GLU B 412 14.00 14.12 13.27
C GLU B 412 15.31 13.50 12.79
N ALA B 413 15.33 12.17 12.64
CA ALA B 413 16.55 11.51 12.19
C ALA B 413 16.91 11.92 10.77
N ILE B 414 15.90 12.08 9.91
CA ILE B 414 16.16 12.54 8.54
C ILE B 414 16.71 13.95 8.55
N THR B 415 16.14 14.81 9.40
CA THR B 415 16.57 16.21 9.45
C THR B 415 18.02 16.33 9.89
N SER B 416 18.41 15.59 10.92
CA SER B 416 19.80 15.63 11.38
C SER B 416 20.73 15.04 10.32
N PHE B 417 20.30 13.97 9.66
CA PHE B 417 21.12 13.34 8.63
C PHE B 417 21.33 14.28 7.45
N ARG B 418 20.26 14.96 7.01
CA ARG B 418 20.38 15.90 5.89
C ARG B 418 21.24 17.10 6.26
N SER B 419 21.28 17.47 7.55
CA SER B 419 22.15 18.57 7.96
C SER B 419 23.62 18.15 7.91
N VAL B 420 23.92 16.93 8.33
CA VAL B 420 25.28 16.41 8.19
C VAL B 420 25.67 16.32 6.72
N LEU B 421 24.77 15.80 5.90
CA LEU B 421 25.05 15.69 4.46
C LEU B 421 25.25 17.06 3.83
N ALA B 422 24.40 18.04 4.17
CA ALA B 422 24.48 19.35 3.53
C ALA B 422 25.82 20.01 3.76
N GLU B 423 26.39 19.87 4.97
CA GLU B 423 27.70 20.44 5.24
C GLU B 423 28.77 19.81 4.36
N LEU B 424 28.54 18.61 3.85
CA LEU B 424 29.48 17.92 2.98
C LEU B 424 29.20 18.16 1.49
N GLY B 425 28.20 18.96 1.16
CA GLY B 425 27.78 19.11 -0.22
C GLY B 425 26.95 17.97 -0.74
N LEU B 426 26.42 17.13 0.13
CA LEU B 426 25.65 15.96 -0.23
C LEU B 426 24.17 16.17 0.09
N GLU B 427 23.32 15.42 -0.59
CA GLU B 427 21.88 15.48 -0.36
C GLU B 427 21.27 14.08 -0.37
N LEU B 428 20.22 13.91 0.43
CA LEU B 428 19.39 12.72 0.37
C LEU B 428 18.22 12.99 -0.58
N PRO B 429 18.09 12.24 -1.68
CA PRO B 429 17.01 12.50 -2.63
C PRO B 429 15.66 12.07 -2.06
N GLY B 430 14.61 12.39 -2.81
CA GLY B 430 13.29 11.90 -2.53
C GLY B 430 12.34 12.83 -1.81
N GLY B 431 12.66 14.13 -1.72
CA GLY B 431 11.74 15.05 -1.10
C GLY B 431 11.66 14.87 0.41
N ASN B 432 10.51 15.27 0.97
CA ASN B 432 10.36 15.29 2.42
C ASN B 432 10.13 13.92 3.03
N LYS B 433 9.67 12.95 2.25
CA LYS B 433 9.46 11.58 2.73
C LYS B 433 10.21 10.64 1.80
N PRO B 434 11.53 10.54 1.94
CA PRO B 434 12.31 9.69 1.03
C PRO B 434 11.96 8.22 1.18
N GLU B 435 12.06 7.51 0.06
CA GLU B 435 11.76 6.10 -0.04
C GLU B 435 13.04 5.28 0.04
N PRO B 436 12.92 3.95 0.24
CA PRO B 436 14.15 3.12 0.32
C PRO B 436 15.10 3.30 -0.85
N ARG B 437 14.58 3.45 -2.07
CA ARG B 437 15.45 3.65 -3.23
C ARG B 437 16.29 4.91 -3.10
N ASP B 438 15.74 5.96 -2.47
CA ASP B 438 16.49 7.19 -2.28
C ASP B 438 17.68 6.98 -1.36
N TYR B 439 17.49 6.27 -0.25
CA TYR B 439 18.61 5.95 0.62
C TYR B 439 19.61 5.05 -0.09
N ALA B 440 19.13 4.07 -0.84
CA ALA B 440 20.03 3.18 -1.59
C ALA B 440 20.83 3.96 -2.63
N GLU B 441 20.20 4.95 -3.26
CA GLU B 441 20.93 5.78 -4.22
C GLU B 441 22.02 6.59 -3.53
N LEU B 442 21.71 7.17 -2.36
CA LEU B 442 22.71 7.90 -1.60
C LEU B 442 23.84 6.99 -1.16
N LEU B 443 23.52 5.77 -0.73
CA LEU B 443 24.55 4.84 -0.31
C LEU B 443 25.51 4.52 -1.44
N GLU B 444 25.00 4.32 -2.66
CA GLU B 444 25.87 4.14 -3.81
C GLU B 444 26.78 5.34 -4.01
N SER B 445 26.23 6.54 -3.89
CA SER B 445 26.98 7.76 -4.24
C SER B 445 28.17 7.98 -3.32
N VAL B 446 28.08 7.54 -2.07
CA VAL B 446 29.10 7.84 -1.07
C VAL B 446 30.05 6.67 -0.82
N ALA B 447 29.92 5.59 -1.61
CA ALA B 447 30.61 4.34 -1.28
C ALA B 447 32.12 4.51 -1.23
N ASP B 448 32.68 5.29 -2.15
CA ASP B 448 34.13 5.42 -2.27
C ASP B 448 34.69 6.59 -1.47
N ARG B 449 33.88 7.26 -0.65
CA ARG B 449 34.36 8.38 0.13
C ARG B 449 35.15 7.91 1.34
N PRO B 450 36.12 8.71 1.80
CA PRO B 450 36.81 8.37 3.05
C PRO B 450 35.87 8.30 4.25
N ASP B 451 34.76 9.03 4.23
CA ASP B 451 33.80 9.03 5.32
C ASP B 451 32.56 8.18 5.00
N ALA B 452 32.69 7.22 4.09
CA ALA B 452 31.56 6.36 3.75
C ALA B 452 31.06 5.60 4.98
N GLU B 453 31.99 5.09 5.80
CA GLU B 453 31.60 4.32 6.97
C GLU B 453 30.85 5.20 7.98
N MET B 454 31.27 6.45 8.13
CA MET B 454 30.54 7.37 9.00
C MET B 454 29.13 7.61 8.49
N LEU B 455 28.99 7.82 7.17
CA LEU B 455 27.68 8.11 6.61
C LEU B 455 26.78 6.88 6.63
N GLN B 456 27.33 5.70 6.34
CA GLN B 456 26.55 4.48 6.43
C GLN B 456 26.07 4.24 7.85
N THR B 457 26.96 4.45 8.84
CA THR B 457 26.58 4.28 10.24
C THR B 457 25.48 5.25 10.63
N MET B 458 25.60 6.51 10.22
CA MET B 458 24.54 7.48 10.52
C MET B 458 23.23 7.09 9.86
N LEU B 459 23.28 6.59 8.62
CA LEU B 459 22.06 6.18 7.93
C LEU B 459 21.40 5.00 8.65
N LEU B 460 22.18 3.95 8.92
CA LEU B 460 21.62 2.78 9.60
C LEU B 460 21.09 3.13 10.98
N ARG B 461 21.73 4.06 11.68
CA ARG B 461 21.28 4.45 13.00
C ARG B 461 20.05 5.36 12.97
N SER B 462 19.70 5.90 11.80
CA SER B 462 18.42 6.60 11.67
C SER B 462 17.26 5.63 11.50
N MET B 463 17.52 4.41 11.05
CA MET B 463 16.48 3.44 10.81
C MET B 463 15.83 2.99 12.12
N LYS B 464 14.54 2.68 12.04
CA LYS B 464 13.84 2.12 13.18
C LYS B 464 14.13 0.61 13.29
N GLN B 465 13.77 0.04 14.43
CA GLN B 465 13.91 -1.39 14.66
C GLN B 465 12.67 -2.12 14.15
N ALA B 466 12.90 -3.26 13.50
CA ALA B 466 11.79 -4.05 12.98
C ALA B 466 11.08 -4.78 14.12
N ILE B 467 9.76 -4.96 13.96
CA ILE B 467 8.92 -5.53 15.01
C ILE B 467 7.84 -6.40 14.37
N TYR B 468 7.16 -7.16 15.23
CA TYR B 468 5.97 -7.92 14.85
C TYR B 468 4.74 -7.12 15.22
N ASP B 469 3.82 -6.97 14.27
CA ASP B 469 2.65 -6.12 14.50
C ASP B 469 1.53 -6.56 13.57
N PRO B 470 0.29 -6.67 14.05
CA PRO B 470 -0.82 -7.05 13.16
C PRO B 470 -1.23 -5.98 12.17
N GLU B 471 -0.72 -4.75 12.28
CA GLU B 471 -0.93 -3.73 11.27
C GLU B 471 0.24 -3.75 10.30
N ASN B 472 -0.04 -3.97 9.02
CA ASN B 472 1.00 -4.05 8.01
C ASN B 472 1.38 -2.64 7.56
N ARG B 473 2.43 -2.10 8.15
CA ARG B 473 2.97 -0.81 7.74
C ARG B 473 4.13 -0.96 6.75
N GLY B 474 4.32 -2.16 6.21
CA GLY B 474 5.39 -2.38 5.25
C GLY B 474 6.73 -2.58 5.91
N HIS B 475 7.73 -2.89 5.08
CA HIS B 475 9.09 -3.10 5.54
C HIS B 475 10.02 -2.18 4.76
N PHE B 476 10.51 -1.14 5.44
CA PHE B 476 11.33 -0.14 4.79
C PHE B 476 12.67 -0.72 4.31
N GLY B 477 13.37 -1.40 5.21
CA GLY B 477 14.72 -1.87 4.89
C GLY B 477 14.76 -2.85 3.73
N LEU B 478 13.76 -3.73 3.65
CA LEU B 478 13.66 -4.64 2.51
C LEU B 478 12.92 -4.02 1.34
N ALA B 479 12.37 -2.82 1.50
CA ALA B 479 11.60 -2.15 0.46
C ALA B 479 10.43 -3.03 0.00
N LEU B 480 9.67 -3.53 0.96
CA LEU B 480 8.56 -4.43 0.69
C LEU B 480 7.27 -3.84 1.24
N GLN B 481 6.18 -4.01 0.47
CA GLN B 481 4.88 -3.54 0.93
C GLN B 481 4.29 -4.50 1.97
N SER B 482 4.57 -5.80 1.83
CA SER B 482 4.00 -6.82 2.71
C SER B 482 5.04 -7.89 3.00
N TYR B 483 5.27 -8.16 4.29
CA TYR B 483 6.32 -9.08 4.70
C TYR B 483 5.94 -9.69 6.04
N ALA B 484 6.30 -10.96 6.23
CA ALA B 484 6.00 -11.67 7.46
C ALA B 484 6.94 -12.85 7.58
N HIS B 485 7.29 -13.20 8.83
CA HIS B 485 8.22 -14.30 9.08
C HIS B 485 7.48 -15.62 9.04
N PHE B 486 7.82 -16.46 8.06
CA PHE B 486 7.15 -17.73 7.84
C PHE B 486 8.08 -18.93 7.90
N THR B 487 9.38 -18.75 7.66
CA THR B 487 10.27 -19.86 7.34
C THR B 487 11.05 -20.43 8.52
N SER B 488 10.83 -19.95 9.74
CA SER B 488 11.56 -20.46 10.91
C SER B 488 10.64 -20.67 12.11
N PRO B 489 9.62 -21.53 11.97
CA PRO B 489 8.72 -21.79 13.11
C PRO B 489 9.33 -22.64 14.21
N ILE B 490 10.48 -23.28 13.99
CA ILE B 490 11.11 -24.02 15.08
C ILE B 490 11.69 -23.05 16.10
N ARG B 491 12.15 -21.88 15.67
CA ARG B 491 12.88 -20.97 16.53
C ARG B 491 12.23 -19.60 16.70
N ARG B 492 11.08 -19.33 16.07
CA ARG B 492 10.38 -18.06 16.25
C ARG B 492 8.90 -18.35 16.41
N TYR B 493 8.31 -17.84 17.49
CA TYR B 493 6.89 -18.09 17.72
C TYR B 493 5.99 -17.42 16.68
N PRO B 494 6.29 -16.20 16.20
CA PRO B 494 5.45 -15.64 15.13
C PRO B 494 5.26 -16.56 13.92
N ASP B 495 6.35 -17.16 13.42
CA ASP B 495 6.23 -18.08 12.28
C ASP B 495 5.27 -19.21 12.60
N LEU B 496 5.29 -19.72 13.83
CA LEU B 496 4.36 -20.77 14.23
C LEU B 496 2.92 -20.32 14.07
N THR B 497 2.58 -19.11 14.56
CA THR B 497 1.22 -18.62 14.43
C THR B 497 0.85 -18.40 12.97
N LEU B 498 1.83 -18.06 12.12
CA LEU B 498 1.53 -17.85 10.71
C LEU B 498 1.20 -19.16 10.01
N HIS B 499 1.89 -20.24 10.36
CA HIS B 499 1.52 -21.56 9.81
C HIS B 499 0.10 -21.93 10.21
N ARG B 500 -0.28 -21.59 11.45
CA ARG B 500 -1.65 -21.87 11.89
C ARG B 500 -2.67 -21.11 11.06
N ALA B 501 -2.41 -19.82 10.81
CA ALA B 501 -3.35 -19.03 10.03
C ALA B 501 -3.46 -19.55 8.61
N ILE B 502 -2.34 -19.97 8.02
CA ILE B 502 -2.36 -20.44 6.64
C ILE B 502 -3.13 -21.75 6.52
N LYS B 503 -2.91 -22.68 7.46
CA LYS B 503 -3.68 -23.93 7.44
C LYS B 503 -5.15 -23.66 7.65
N TYR B 504 -5.50 -22.72 8.53
CA TYR B 504 -6.89 -22.37 8.73
C TYR B 504 -7.50 -21.80 7.46
N LEU B 505 -6.77 -20.94 6.75
CA LEU B 505 -7.30 -20.34 5.53
C LEU B 505 -7.42 -21.36 4.41
N LEU B 506 -6.49 -22.31 4.33
CA LEU B 506 -6.58 -23.36 3.32
C LEU B 506 -7.84 -24.20 3.52
N ALA B 507 -8.13 -24.57 4.77
CA ALA B 507 -9.34 -25.34 5.05
C ALA B 507 -10.59 -24.52 4.77
N LYS B 508 -10.56 -23.22 5.11
CA LYS B 508 -11.73 -22.39 4.87
C LYS B 508 -12.03 -22.26 3.38
N GLU B 509 -10.98 -22.14 2.56
CA GLU B 509 -11.18 -22.11 1.11
C GLU B 509 -11.88 -23.37 0.60
N GLN B 510 -11.80 -24.47 1.35
CA GLN B 510 -12.49 -25.71 1.00
C GLN B 510 -13.88 -25.82 1.63
N GLY B 511 -14.34 -24.77 2.30
CA GLY B 511 -15.65 -24.78 2.92
C GLY B 511 -15.69 -25.18 4.37
N HIS B 512 -14.54 -25.32 5.02
CA HIS B 512 -14.52 -25.69 6.42
C HIS B 512 -14.98 -24.51 7.28
N GLN B 513 -15.76 -24.80 8.32
CA GLN B 513 -16.43 -23.77 9.09
C GLN B 513 -15.90 -23.58 10.50
N GLY B 514 -15.12 -24.52 11.02
CA GLY B 514 -14.58 -24.37 12.36
C GLY B 514 -13.39 -23.41 12.42
N ASN B 515 -12.93 -23.16 13.64
CA ASN B 515 -11.79 -22.29 13.85
C ASN B 515 -10.47 -23.04 13.99
N THR B 516 -10.49 -24.36 14.04
CA THR B 516 -9.29 -25.18 14.11
C THR B 516 -9.26 -26.15 12.95
N THR B 517 -8.12 -26.79 12.77
CA THR B 517 -7.89 -27.77 11.73
C THR B 517 -7.21 -28.98 12.35
N GLU B 518 -7.55 -30.18 11.87
CA GLU B 518 -7.03 -31.41 12.47
C GLU B 518 -5.53 -31.60 12.27
N THR B 519 -4.89 -30.81 11.42
CA THR B 519 -3.44 -30.85 11.27
C THR B 519 -2.75 -29.65 11.90
N GLY B 520 -3.49 -28.81 12.63
CA GLY B 520 -2.89 -27.74 13.42
C GLY B 520 -3.29 -26.33 13.02
N GLY B 521 -4.21 -26.13 12.09
CA GLY B 521 -4.64 -24.79 11.77
C GLY B 521 -5.41 -24.15 12.91
N TYR B 522 -5.37 -22.81 12.95
CA TYR B 522 -5.99 -22.09 14.04
C TYR B 522 -6.23 -20.65 13.60
N HIS B 523 -7.39 -20.12 13.96
CA HIS B 523 -7.74 -18.73 13.69
C HIS B 523 -7.59 -17.91 14.97
N TYR B 524 -6.78 -16.86 14.91
CA TYR B 524 -6.60 -15.95 16.04
C TYR B 524 -7.46 -14.70 15.86
N SER B 525 -7.84 -14.10 16.98
CA SER B 525 -8.53 -12.83 16.94
C SER B 525 -7.52 -11.68 16.82
N MET B 526 -8.01 -10.53 16.36
CA MET B 526 -7.15 -9.36 16.30
C MET B 526 -6.67 -8.95 17.69
N GLU B 527 -7.50 -9.15 18.71
CA GLU B 527 -7.08 -8.81 20.07
C GLU B 527 -5.94 -9.71 20.53
N GLU B 528 -6.00 -11.00 20.21
CA GLU B 528 -4.89 -11.90 20.52
C GLU B 528 -3.63 -11.47 19.79
N MET B 529 -3.76 -11.07 18.53
CA MET B 529 -2.59 -10.74 17.71
C MET B 529 -1.94 -9.44 18.17
N LEU B 530 -2.73 -8.51 18.72
CA LEU B 530 -2.13 -7.30 19.30
C LEU B 530 -1.22 -7.66 20.47
N GLN B 531 -1.72 -8.49 21.39
CA GLN B 531 -0.89 -8.96 22.50
C GLN B 531 0.33 -9.71 21.99
N LEU B 532 0.11 -10.65 21.06
CA LEU B 532 1.19 -11.51 20.60
C LEU B 532 2.30 -10.71 19.94
N GLY B 533 1.95 -9.66 19.19
CA GLY B 533 2.98 -8.84 18.56
C GLY B 533 3.87 -8.14 19.57
N GLN B 534 3.26 -7.57 20.62
CA GLN B 534 4.07 -6.93 21.66
C GLN B 534 4.93 -7.96 22.38
N HIS B 535 4.37 -9.12 22.70
CA HIS B 535 5.13 -10.13 23.44
C HIS B 535 6.26 -10.70 22.62
N CYS B 536 5.99 -11.03 21.36
CA CYS B 536 7.04 -11.64 20.53
C CYS B 536 8.13 -10.65 20.18
N SER B 537 7.78 -9.38 19.99
CA SER B 537 8.81 -8.36 19.76
C SER B 537 9.65 -8.15 21.02
N MET B 538 8.99 -8.17 22.18
CA MET B 538 9.71 -8.14 23.45
C MET B 538 10.69 -9.30 23.54
N ALA B 539 10.23 -10.53 23.27
CA ALA B 539 11.09 -11.70 23.40
C ALA B 539 12.28 -11.64 22.45
N GLU B 540 12.10 -11.07 21.25
CA GLU B 540 13.22 -10.91 20.33
C GLU B 540 14.27 -9.96 20.92
N ARG B 541 13.84 -8.81 21.42
CA ARG B 541 14.77 -7.87 22.04
C ARG B 541 15.41 -8.45 23.29
N ARG B 542 14.62 -9.17 24.09
CA ARG B 542 15.13 -9.78 25.31
C ARG B 542 16.25 -10.77 25.00
N ALA B 543 16.06 -11.59 23.98
CA ALA B 543 17.10 -12.55 23.59
C ALA B 543 18.35 -11.82 23.13
N ASP B 544 18.19 -10.74 22.36
CA ASP B 544 19.35 -10.00 21.86
C ASP B 544 20.14 -9.37 22.98
N GLU B 545 19.45 -8.82 23.99
CA GLU B 545 20.16 -8.18 25.09
C GLU B 545 20.91 -9.20 25.93
N ALA B 546 20.34 -10.39 26.13
CA ALA B 546 21.01 -11.41 26.92
C ALA B 546 22.25 -11.94 26.22
N THR B 547 22.15 -12.22 24.92
CA THR B 547 23.31 -12.70 24.17
C THR B 547 24.39 -11.64 24.08
N ARG B 548 24.00 -10.36 24.00
CA ARG B 548 24.97 -9.27 24.00
C ARG B 548 25.68 -9.15 25.34
N ASP B 549 24.94 -9.36 26.44
CA ASP B 549 25.56 -9.38 27.76
C ASP B 549 26.69 -10.39 27.83
N VAL B 550 26.43 -11.62 27.38
CA VAL B 550 27.45 -12.66 27.41
C VAL B 550 28.60 -12.30 26.47
N ALA B 551 28.29 -11.77 25.29
CA ALA B 551 29.33 -11.35 24.35
C ALA B 551 30.20 -10.26 24.96
N ASP B 552 29.60 -9.32 25.68
CA ASP B 552 30.38 -8.30 26.36
C ASP B 552 31.35 -8.92 27.36
N TRP B 553 30.90 -9.92 28.11
CA TRP B 553 31.79 -10.56 29.07
C TRP B 553 32.93 -11.28 28.36
N LEU B 554 32.63 -12.00 27.27
CA LEU B 554 33.66 -12.70 26.54
C LEU B 554 34.70 -11.74 25.96
N LYS B 555 34.23 -10.59 25.43
CA LYS B 555 35.15 -9.62 24.86
C LYS B 555 36.06 -9.02 25.93
N CYS B 556 35.50 -8.68 27.09
CA CYS B 556 36.32 -8.15 28.16
C CYS B 556 37.30 -9.19 28.68
N ASP B 557 36.86 -10.44 28.81
CA ASP B 557 37.75 -11.52 29.20
C ASP B 557 38.90 -11.67 28.20
N PHE B 558 38.60 -11.51 26.92
CA PHE B 558 39.62 -11.62 25.88
C PHE B 558 40.66 -10.51 25.95
N MET B 559 40.26 -9.31 26.37
CA MET B 559 41.16 -8.16 26.42
C MET B 559 41.88 -8.03 27.76
N LEU B 560 41.65 -8.95 28.69
CA LEU B 560 42.20 -8.81 30.03
C LEU B 560 43.73 -8.75 30.00
N ASP B 561 44.36 -9.53 29.13
CA ASP B 561 45.82 -9.54 29.01
C ASP B 561 46.33 -8.56 27.96
N GLN B 562 45.50 -7.62 27.52
CA GLN B 562 45.90 -6.62 26.54
C GLN B 562 46.09 -5.24 27.12
N VAL B 563 45.94 -5.09 28.43
CA VAL B 563 46.16 -3.79 29.07
C VAL B 563 47.58 -3.32 28.76
N GLY B 564 47.70 -2.09 28.28
CA GLY B 564 48.96 -1.54 27.87
C GLY B 564 49.21 -1.57 26.37
N ASN B 565 48.52 -2.43 25.64
CA ASN B 565 48.76 -2.58 24.21
C ASN B 565 47.93 -1.58 23.41
N VAL B 566 48.38 -1.35 22.17
CA VAL B 566 47.81 -0.32 21.29
C VAL B 566 47.10 -0.98 20.13
N PHE B 567 45.95 -0.42 19.74
CA PHE B 567 45.10 -0.97 18.68
C PHE B 567 44.58 0.15 17.79
N LYS B 568 44.47 -0.16 16.50
CA LYS B 568 43.75 0.73 15.58
C LYS B 568 42.25 0.56 15.79
N GLY B 569 41.52 1.67 15.62
CA GLY B 569 40.08 1.63 15.80
C GLY B 569 39.40 2.78 15.08
N VAL B 570 38.07 2.80 15.21
CA VAL B 570 37.23 3.82 14.61
C VAL B 570 36.29 4.35 15.68
N ILE B 571 36.11 5.68 15.71
CA ILE B 571 35.21 6.28 16.69
C ILE B 571 33.78 5.85 16.38
N SER B 572 33.15 5.18 17.34
CA SER B 572 31.84 4.57 17.14
C SER B 572 30.70 5.37 17.75
N SER B 573 30.98 6.31 18.66
CA SER B 573 29.97 7.15 19.27
C SER B 573 30.66 8.30 19.99
N VAL B 574 30.05 9.48 19.95
CA VAL B 574 30.58 10.67 20.58
C VAL B 574 29.57 11.19 21.59
N THR B 575 30.04 11.55 22.78
CA THR B 575 29.21 12.13 23.83
C THR B 575 29.92 13.34 24.41
N GLY B 576 29.25 13.99 25.37
CA GLY B 576 29.86 15.11 26.06
C GLY B 576 30.93 14.72 27.05
N PHE B 577 31.06 13.43 27.36
CA PHE B 577 32.07 12.96 28.30
C PHE B 577 33.18 12.15 27.62
N GLY B 578 33.25 12.19 26.30
CA GLY B 578 34.29 11.48 25.57
C GLY B 578 33.71 10.82 24.33
N PHE B 579 34.40 9.80 23.84
CA PHE B 579 33.94 9.07 22.67
C PHE B 579 34.35 7.62 22.76
N PHE B 580 33.50 6.74 22.24
CA PHE B 580 33.77 5.32 22.19
C PHE B 580 34.50 4.97 20.90
N VAL B 581 35.33 3.93 20.96
CA VAL B 581 36.12 3.48 19.82
C VAL B 581 35.89 1.99 19.63
N ARG B 582 35.63 1.57 18.40
CA ARG B 582 35.53 0.16 18.04
C ARG B 582 36.84 -0.29 17.43
N LEU B 583 37.45 -1.32 18.01
CA LEU B 583 38.75 -1.78 17.56
C LEU B 583 38.64 -2.49 16.22
N ASP B 584 39.55 -2.16 15.30
CA ASP B 584 39.57 -2.79 13.98
C ASP B 584 39.72 -4.30 14.12
N ASP B 585 38.88 -5.03 13.38
CA ASP B 585 38.92 -6.49 13.23
C ASP B 585 38.55 -7.24 14.50
N LEU B 586 38.31 -6.55 15.62
CA LEU B 586 37.97 -7.21 16.88
C LEU B 586 36.54 -6.99 17.31
N PHE B 587 35.86 -5.96 16.79
CA PHE B 587 34.48 -5.65 17.13
C PHE B 587 34.31 -5.40 18.62
N ILE B 588 35.33 -4.83 19.26
CA ILE B 588 35.35 -4.56 20.68
C ILE B 588 35.38 -3.05 20.88
N ASP B 589 34.51 -2.55 21.77
CA ASP B 589 34.38 -1.12 22.02
C ASP B 589 34.93 -0.76 23.39
N GLY B 590 35.41 0.48 23.50
CA GLY B 590 35.89 1.04 24.74
C GLY B 590 35.76 2.54 24.69
N LEU B 591 35.90 3.17 25.85
CA LEU B 591 35.64 4.59 26.02
C LEU B 591 36.94 5.38 26.16
N VAL B 592 37.10 6.41 25.34
CA VAL B 592 38.10 7.45 25.56
C VAL B 592 37.39 8.56 26.33
N HIS B 593 37.65 8.66 27.63
CA HIS B 593 36.98 9.69 28.40
C HIS B 593 37.60 11.06 28.11
N VAL B 594 36.75 12.09 28.12
CA VAL B 594 37.20 13.43 27.76
C VAL B 594 38.29 13.91 28.70
N SER B 595 38.31 13.43 29.95
CA SER B 595 39.33 13.84 30.89
C SER B 595 40.71 13.27 30.55
N SER B 596 40.76 12.25 29.69
CA SER B 596 42.04 11.68 29.27
C SER B 596 42.66 12.40 28.09
N LEU B 597 41.92 13.31 27.45
CA LEU B 597 42.45 14.09 26.34
C LEU B 597 43.32 15.24 26.86
N ASP B 598 44.05 15.86 25.95
CA ASP B 598 44.81 17.06 26.29
C ASP B 598 43.89 18.09 26.94
N ASN B 599 44.43 18.78 27.94
CA ASN B 599 43.64 19.78 28.66
C ASN B 599 43.15 20.86 27.71
N ASP B 600 41.83 21.08 27.70
CA ASP B 600 41.22 22.04 26.78
C ASP B 600 39.77 22.26 27.22
N TYR B 601 39.09 23.16 26.52
CA TYR B 601 37.65 23.35 26.65
C TYR B 601 37.00 22.61 25.49
N TYR B 602 36.35 21.49 25.77
CA TYR B 602 35.82 20.63 24.74
C TYR B 602 34.34 20.92 24.51
N ARG B 603 33.99 21.18 23.25
CA ARG B 603 32.63 21.52 22.84
C ARG B 603 32.01 20.33 22.13
N PHE B 604 30.77 19.99 22.49
CA PHE B 604 30.10 18.81 21.95
C PHE B 604 29.04 19.25 20.95
N ASP B 605 29.26 18.90 19.68
CA ASP B 605 28.27 19.09 18.62
C ASP B 605 27.47 17.79 18.49
N GLN B 606 26.20 17.83 18.89
CA GLN B 606 25.39 16.61 18.90
C GLN B 606 25.00 16.19 17.49
N VAL B 607 24.54 17.13 16.68
CA VAL B 607 24.10 16.79 15.33
C VAL B 607 25.28 16.37 14.46
N GLY B 608 26.41 17.08 14.60
CA GLY B 608 27.62 16.68 13.90
C GLY B 608 28.30 15.47 14.50
N GLN B 609 27.97 15.13 15.75
CA GLN B 609 28.57 14.00 16.46
C GLN B 609 30.07 14.19 16.56
N ARG B 610 30.41 15.32 17.17
CA ARG B 610 31.74 15.84 17.24
C ARG B 610 32.02 16.39 18.64
N LEU B 611 33.25 16.11 19.14
CA LEU B 611 33.85 16.75 20.31
C LEU B 611 35.06 17.62 19.89
N MET B 612 34.99 18.93 20.14
CA MET B 612 35.99 19.86 19.60
C MET B 612 36.70 20.61 20.72
N GLY B 613 38.04 20.61 20.68
CA GLY B 613 38.82 21.35 21.66
C GLY B 613 39.02 22.78 21.20
N GLU B 614 38.66 23.73 22.08
CA GLU B 614 38.62 25.14 21.68
C GLU B 614 40.03 25.67 21.38
N SER B 615 40.97 25.43 22.28
CA SER B 615 42.30 26.00 22.11
C SER B 615 43.11 25.25 21.07
N SER B 616 42.99 23.92 21.02
CA SER B 616 43.84 23.11 20.15
C SER B 616 43.29 23.01 18.74
N GLY B 617 41.99 23.23 18.56
CA GLY B 617 41.37 22.93 17.29
C GLY B 617 41.28 21.44 17.00
N GLN B 618 41.70 20.59 17.92
CA GLN B 618 41.55 19.15 17.74
C GLN B 618 40.07 18.77 17.61
N THR B 619 39.78 17.72 16.79
CA THR B 619 38.45 17.33 16.32
C THR B 619 38.59 15.80 16.25
N TYR B 620 37.87 15.05 17.24
CA TYR B 620 37.44 13.59 17.32
C TYR B 620 35.96 13.35 16.91
N ARG B 621 35.68 12.94 15.64
CA ARG B 621 34.30 12.79 15.10
C ARG B 621 33.91 11.31 14.85
N LEU B 622 32.59 11.01 14.87
CA LEU B 622 32.13 9.67 14.51
C LEU B 622 32.76 9.19 13.20
N GLY B 623 33.35 7.99 13.21
CA GLY B 623 33.99 7.45 12.02
C GLY B 623 35.46 7.78 11.88
N ASP B 624 36.01 8.64 12.72
CA ASP B 624 37.44 8.94 12.64
C ASP B 624 38.26 7.69 12.93
N ARG B 625 39.33 7.51 12.16
CA ARG B 625 40.29 6.45 12.44
C ARG B 625 41.29 6.94 13.49
N VAL B 626 41.52 6.12 14.52
CA VAL B 626 42.37 6.48 15.64
C VAL B 626 43.21 5.28 16.04
N GLU B 627 44.13 5.52 16.97
CA GLU B 627 44.81 4.47 17.71
C GLU B 627 44.57 4.71 19.20
N VAL B 628 44.33 3.63 19.94
CA VAL B 628 44.07 3.75 21.37
C VAL B 628 44.91 2.73 22.12
N ARG B 629 45.22 3.05 23.37
CA ARG B 629 45.89 2.14 24.29
C ARG B 629 44.87 1.63 25.30
N VAL B 630 44.90 0.32 25.56
CA VAL B 630 44.01 -0.27 26.54
C VAL B 630 44.50 0.16 27.93
N GLU B 631 43.70 0.98 28.62
CA GLU B 631 44.08 1.45 29.94
C GLU B 631 43.54 0.57 31.05
N ALA B 632 42.38 -0.05 30.87
CA ALA B 632 41.78 -0.80 31.95
C ALA B 632 40.66 -1.67 31.40
N VAL B 633 40.53 -2.87 31.97
CA VAL B 633 39.42 -3.77 31.68
C VAL B 633 38.72 -4.05 33.01
N ASN B 634 37.49 -3.57 33.16
CA ASN B 634 36.71 -3.80 34.37
C ASN B 634 35.78 -4.98 34.11
N MET B 635 36.14 -6.15 34.67
CA MET B 635 35.35 -7.34 34.44
C MET B 635 34.01 -7.30 35.16
N ASP B 636 33.95 -6.63 36.31
CA ASP B 636 32.69 -6.59 37.06
C ASP B 636 31.63 -5.78 36.33
N GLU B 637 32.02 -4.72 35.62
CA GLU B 637 31.09 -3.90 34.86
C GLU B 637 31.12 -4.21 33.36
N ARG B 638 32.07 -5.03 32.92
CA ARG B 638 32.20 -5.39 31.50
C ARG B 638 32.38 -4.13 30.65
N LYS B 639 33.37 -3.33 31.02
CA LYS B 639 33.66 -2.07 30.35
C LYS B 639 35.17 -1.93 30.19
N ILE B 640 35.58 -1.35 29.06
CA ILE B 640 36.99 -1.16 28.73
C ILE B 640 37.26 0.33 28.58
N ASP B 641 38.37 0.79 29.15
CA ASP B 641 38.79 2.17 29.08
C ASP B 641 39.98 2.30 28.13
N PHE B 642 39.91 3.30 27.26
CA PHE B 642 40.98 3.61 26.32
C PHE B 642 41.60 4.96 26.64
N SER B 643 42.82 5.15 26.15
CA SER B 643 43.41 6.46 26.02
C SER B 643 43.77 6.66 24.55
N LEU B 644 43.61 7.88 24.06
CA LEU B 644 43.89 8.17 22.66
C LEU B 644 45.39 8.23 22.41
N ILE B 645 45.79 7.71 21.25
CA ILE B 645 47.19 7.70 20.79
C ILE B 645 48.02 6.75 21.64
#